data_1U6C
# 
_entry.id   1U6C 
# 
_audit_conform.dict_name       mmcif_pdbx.dic 
_audit_conform.dict_version    5.392 
_audit_conform.dict_location   http://mmcif.pdb.org/dictionaries/ascii/mmcif_pdbx.dic 
# 
loop_
_database_2.database_id 
_database_2.database_code 
_database_2.pdbx_database_accession 
_database_2.pdbx_DOI 
PDB   1U6C         pdb_00001u6c 10.2210/pdb1u6c/pdb 
RCSB  RCSB023300   ?            ?                   
WWPDB D_1000023300 ?            ?                   
# 
loop_
_pdbx_audit_revision_history.ordinal 
_pdbx_audit_revision_history.data_content_type 
_pdbx_audit_revision_history.major_revision 
_pdbx_audit_revision_history.minor_revision 
_pdbx_audit_revision_history.revision_date 
1 'Structure model' 1 0 2004-08-17 
2 'Structure model' 1 1 2007-10-16 
3 'Structure model' 1 2 2011-07-13 
4 'Structure model' 1 3 2022-03-02 
5 'Structure model' 1 4 2024-05-22 
# 
_pdbx_audit_revision_details.ordinal             1 
_pdbx_audit_revision_details.revision_ordinal    1 
_pdbx_audit_revision_details.data_content_type   'Structure model' 
_pdbx_audit_revision_details.provider            repository 
_pdbx_audit_revision_details.type                'Initial release' 
_pdbx_audit_revision_details.description         ? 
_pdbx_audit_revision_details.details             ? 
# 
loop_
_pdbx_audit_revision_group.ordinal 
_pdbx_audit_revision_group.revision_ordinal 
_pdbx_audit_revision_group.data_content_type 
_pdbx_audit_revision_group.group 
1 2 'Structure model' 'Version format compliance' 
2 3 'Structure model' 'Version format compliance' 
3 4 'Structure model' 'Database references'       
4 4 'Structure model' 'Derived calculations'      
5 5 'Structure model' 'Data collection'           
# 
loop_
_pdbx_audit_revision_category.ordinal 
_pdbx_audit_revision_category.revision_ordinal 
_pdbx_audit_revision_category.data_content_type 
_pdbx_audit_revision_category.category 
1 4 'Structure model' database_2            
2 4 'Structure model' pdbx_struct_assembly  
3 4 'Structure model' pdbx_struct_oper_list 
4 4 'Structure model' struct_conn           
5 5 'Structure model' chem_comp_atom        
6 5 'Structure model' chem_comp_bond        
# 
loop_
_pdbx_audit_revision_item.ordinal 
_pdbx_audit_revision_item.revision_ordinal 
_pdbx_audit_revision_item.data_content_type 
_pdbx_audit_revision_item.item 
1 4 'Structure model' '_database_2.pdbx_DOI'                
2 4 'Structure model' '_database_2.pdbx_database_accession' 
3 4 'Structure model' '_struct_conn.pdbx_leaving_atom_flag' 
# 
_pdbx_database_status.status_code                     REL 
_pdbx_database_status.entry_id                        1U6C 
_pdbx_database_status.recvd_initial_deposition_date   2004-07-29 
_pdbx_database_status.deposit_site                    RCSB 
_pdbx_database_status.process_site                    RCSB 
_pdbx_database_status.SG_entry                        . 
_pdbx_database_status.pdb_format_compatible           Y 
_pdbx_database_status.status_code_mr                  ? 
_pdbx_database_status.status_code_sf                  ? 
_pdbx_database_status.status_code_cs                  ? 
_pdbx_database_status.status_code_nmr_data            ? 
_pdbx_database_status.methods_development_category    ? 
# 
loop_
_audit_author.name 
_audit_author.pdbx_ordinal 
'Scholdberg, T.A.' 1 
'Nechev, L.N.'     2 
'Merritt, W.K.'    3 
'Harris, T.M.'     4 
'Harris, C.M.'     5 
'Lloyd, R.S.'      6 
'Stone, M.P.'      7 
# 
_citation.id                        primary 
_citation.title                     
;Structure of a site specific major groove (2S,3S)-N6-(2,3,4-trihydroxybutyl)-2'-deoxyadenosyl DNA adduct of butadiene diol epoxide.
;
_citation.journal_abbrev            Chem.Res.Toxicol. 
_citation.journal_volume            17 
_citation.page_first                717 
_citation.page_last                 730 
_citation.year                      2004 
_citation.journal_id_ASTM           CRTOEC 
_citation.country                   US 
_citation.journal_id_ISSN           0893-228X 
_citation.journal_id_CSD            2140 
_citation.book_publisher            ? 
_citation.pdbx_database_id_PubMed   15206893 
_citation.pdbx_database_id_DOI      10.1021/tx034271+ 
# 
loop_
_citation_author.citation_id 
_citation_author.name 
_citation_author.ordinal 
_citation_author.identifier_ORCID 
primary 'Scholdberg, T.A.' 1 ? 
primary 'Nechev, L.V.'     2 ? 
primary 'Merritt, W.K.'    3 ? 
primary 'Harris, T.M.'     4 ? 
primary 'Harris, C.M.'     5 ? 
primary 'Lloyd, R.S.'      6 ? 
primary 'Stone, M.P.'      7 ? 
# 
loop_
_entity.id 
_entity.type 
_entity.src_method 
_entity.pdbx_description 
_entity.formula_weight 
_entity.pdbx_number_of_molecules 
_entity.pdbx_ec 
_entity.pdbx_mutation 
_entity.pdbx_fragment 
_entity.details 
1 polymer syn 
;(2S,3S)-N6-(2,3,4-trihydroxybutyl)-2'-deoxyadenosyl DNA adduct of butadiene diol epoxide
;
3520.367 1 ? ? ? ? 
2 polymer syn 
;(2S,3S)-N6-(2,3,4-trihydroxybutyl)-2'-deoxyadenosyl DNA adduct of butadiene diol epoxide
;
3291.145 1 ? ? ? ? 
# 
loop_
_entity_poly.entity_id 
_entity_poly.type 
_entity_poly.nstd_linkage 
_entity_poly.nstd_monomer 
_entity_poly.pdbx_seq_one_letter_code 
_entity_poly.pdbx_seq_one_letter_code_can 
_entity_poly.pdbx_strand_id 
_entity_poly.pdbx_target_identifier 
1 polydeoxyribonucleotide no yes '(DC)(DG)(DG)(DA)(DC)(2BU)(DA)(DG)(DA)(DA)(DG)' CGGACAAGAAG A ? 
2 polydeoxyribonucleotide no no  '(DC)(DT)(DT)(DC)(DT)(DT)(DG)(DT)(DC)(DC)(DG)'  CTTCTTGTCCG B ? 
# 
loop_
_entity_poly_seq.entity_id 
_entity_poly_seq.num 
_entity_poly_seq.mon_id 
_entity_poly_seq.hetero 
1 1  DC  n 
1 2  DG  n 
1 3  DG  n 
1 4  DA  n 
1 5  DC  n 
1 6  2BU n 
1 7  DA  n 
1 8  DG  n 
1 9  DA  n 
1 10 DA  n 
1 11 DG  n 
2 1  DC  n 
2 2  DT  n 
2 3  DT  n 
2 4  DC  n 
2 5  DT  n 
2 6  DT  n 
2 7  DG  n 
2 8  DT  n 
2 9  DC  n 
2 10 DC  n 
2 11 DG  n 
# 
loop_
_chem_comp.id 
_chem_comp.type 
_chem_comp.mon_nstd_flag 
_chem_comp.name 
_chem_comp.pdbx_synonyms 
_chem_comp.formula 
_chem_comp.formula_weight 
2BU 'DNA linking' n 
;(2S,3S)-N6-(2,3,4-TRIHYDROXYBUTYL)-2'-DEOXYADENOSINE MONO PHOSPHORIC ACID
;
? 'C14 H22 N5 O9 P' 435.326 
DA  'DNA linking' y "2'-DEOXYADENOSINE-5'-MONOPHOSPHATE"                                        ? 'C10 H14 N5 O6 P' 331.222 
DC  'DNA linking' y "2'-DEOXYCYTIDINE-5'-MONOPHOSPHATE"                                         ? 'C9 H14 N3 O7 P'  307.197 
DG  'DNA linking' y "2'-DEOXYGUANOSINE-5'-MONOPHOSPHATE"                                        ? 'C10 H14 N5 O7 P' 347.221 
DT  'DNA linking' y "THYMIDINE-5'-MONOPHOSPHATE"                                                ? 'C10 H15 N2 O8 P' 322.208 
# 
loop_
_pdbx_poly_seq_scheme.asym_id 
_pdbx_poly_seq_scheme.entity_id 
_pdbx_poly_seq_scheme.seq_id 
_pdbx_poly_seq_scheme.mon_id 
_pdbx_poly_seq_scheme.ndb_seq_num 
_pdbx_poly_seq_scheme.pdb_seq_num 
_pdbx_poly_seq_scheme.auth_seq_num 
_pdbx_poly_seq_scheme.pdb_mon_id 
_pdbx_poly_seq_scheme.auth_mon_id 
_pdbx_poly_seq_scheme.pdb_strand_id 
_pdbx_poly_seq_scheme.pdb_ins_code 
_pdbx_poly_seq_scheme.hetero 
A 1 1  DC  1  1  1  DC  C   A . n 
A 1 2  DG  2  2  2  DG  G   A . n 
A 1 3  DG  3  3  3  DG  G   A . n 
A 1 4  DA  4  4  4  DA  A   A . n 
A 1 5  DC  5  5  5  DC  C   A . n 
A 1 6  2BU 6  6  6  2BU ABU A . n 
A 1 7  DA  7  7  7  DA  A   A . n 
A 1 8  DG  8  8  8  DG  G   A . n 
A 1 9  DA  9  9  9  DA  A   A . n 
A 1 10 DA  10 10 10 DA  A   A . n 
A 1 11 DG  11 11 11 DG  G   A . n 
B 2 1  DC  1  12 12 DC  C   B . n 
B 2 2  DT  2  13 13 DT  T   B . n 
B 2 3  DT  3  14 14 DT  T   B . n 
B 2 4  DC  4  15 15 DC  C   B . n 
B 2 5  DT  5  16 16 DT  T   B . n 
B 2 6  DT  6  17 17 DT  T   B . n 
B 2 7  DG  7  18 18 DG  G   B . n 
B 2 8  DT  8  19 19 DT  T   B . n 
B 2 9  DC  9  20 20 DC  C   B . n 
B 2 10 DC  10 21 21 DC  C   B . n 
B 2 11 DG  11 22 22 DG  G   B . n 
# 
_exptl.entry_id          1U6C 
_exptl.method            'SOLUTION NMR' 
_exptl.crystals_number   ? 
# 
_exptl_crystal.id                    1 
_exptl_crystal.density_meas          ? 
_exptl_crystal.density_Matthews      ? 
_exptl_crystal.density_percent_sol   ? 
_exptl_crystal.description           ? 
_exptl_crystal.F_000                 ? 
_exptl_crystal.preparation           ? 
# 
_diffrn.id                     1 
_diffrn.ambient_temp           ? 
_diffrn.ambient_temp_details   ? 
_diffrn.crystal_id             1 
# 
_diffrn_radiation.diffrn_id                        1 
_diffrn_radiation.wavelength_id                    1 
_diffrn_radiation.pdbx_monochromatic_or_laue_m_l   M 
_diffrn_radiation.monochromator                    ? 
_diffrn_radiation.pdbx_diffrn_protocol             'SINGLE WAVELENGTH' 
_diffrn_radiation.pdbx_scattering_type             ? 
# 
_diffrn_radiation_wavelength.id           1 
_diffrn_radiation_wavelength.wavelength   . 
_diffrn_radiation_wavelength.wt           1.0 
# 
_struct.entry_id                  1U6C 
_struct.title                     
;The NMR-derived solution structure of the (2S,3S)-N6-(2,3,4-trihydroxybutyl)-2'-deoxyadenosyl DNA adduct of butadiene diol epoxide
;
_struct.pdbx_model_details        ? 
_struct.pdbx_CASP_flag            ? 
_struct.pdbx_model_type_details   ? 
# 
_struct_keywords.entry_id        1U6C 
_struct_keywords.pdbx_keywords   DNA 
_struct_keywords.text            DNA 
# 
loop_
_struct_asym.id 
_struct_asym.pdbx_blank_PDB_chainid_flag 
_struct_asym.pdbx_modified 
_struct_asym.entity_id 
_struct_asym.details 
A N N 1 ? 
B N N 2 ? 
# 
loop_
_struct_ref.id 
_struct_ref.entity_id 
_struct_ref.db_name 
_struct_ref.db_code 
_struct_ref.pdbx_db_accession 
_struct_ref.pdbx_db_isoform 
_struct_ref.pdbx_seq_one_letter_code 
_struct_ref.pdbx_align_begin 
1 1 PDB 1U6C 1U6C ? ? ? 
2 2 PDB 1U6C 1U6C ? ? ? 
# 
loop_
_struct_ref_seq.align_id 
_struct_ref_seq.ref_id 
_struct_ref_seq.pdbx_PDB_id_code 
_struct_ref_seq.pdbx_strand_id 
_struct_ref_seq.seq_align_beg 
_struct_ref_seq.pdbx_seq_align_beg_ins_code 
_struct_ref_seq.seq_align_end 
_struct_ref_seq.pdbx_seq_align_end_ins_code 
_struct_ref_seq.pdbx_db_accession 
_struct_ref_seq.db_align_beg 
_struct_ref_seq.pdbx_db_align_beg_ins_code 
_struct_ref_seq.db_align_end 
_struct_ref_seq.pdbx_db_align_end_ins_code 
_struct_ref_seq.pdbx_auth_seq_align_beg 
_struct_ref_seq.pdbx_auth_seq_align_end 
1 1 1U6C A 1 ? 11 ? 1U6C 1  ? 11 ? 1  11 
2 2 1U6C B 1 ? 11 ? 1U6C 12 ? 22 ? 12 22 
# 
_pdbx_struct_assembly.id                   1 
_pdbx_struct_assembly.details              author_defined_assembly 
_pdbx_struct_assembly.method_details       ? 
_pdbx_struct_assembly.oligomeric_details   dimeric 
_pdbx_struct_assembly.oligomeric_count     2 
# 
_pdbx_struct_assembly_gen.assembly_id       1 
_pdbx_struct_assembly_gen.oper_expression   1 
_pdbx_struct_assembly_gen.asym_id_list      A,B 
# 
_pdbx_struct_oper_list.id                   1 
_pdbx_struct_oper_list.type                 'identity operation' 
_pdbx_struct_oper_list.name                 1_555 
_pdbx_struct_oper_list.symmetry_operation   x,y,z 
_pdbx_struct_oper_list.matrix[1][1]         1.0000000000 
_pdbx_struct_oper_list.matrix[1][2]         0.0000000000 
_pdbx_struct_oper_list.matrix[1][3]         0.0000000000 
_pdbx_struct_oper_list.vector[1]            0.0000000000 
_pdbx_struct_oper_list.matrix[2][1]         0.0000000000 
_pdbx_struct_oper_list.matrix[2][2]         1.0000000000 
_pdbx_struct_oper_list.matrix[2][3]         0.0000000000 
_pdbx_struct_oper_list.vector[2]            0.0000000000 
_pdbx_struct_oper_list.matrix[3][1]         0.0000000000 
_pdbx_struct_oper_list.matrix[3][2]         0.0000000000 
_pdbx_struct_oper_list.matrix[3][3]         1.0000000000 
_pdbx_struct_oper_list.vector[3]            0.0000000000 
# 
_struct_biol.id                    1 
_struct_biol.pdbx_parent_biol_id   ? 
_struct_biol.details               ? 
# 
loop_
_struct_conn.id 
_struct_conn.conn_type_id 
_struct_conn.pdbx_leaving_atom_flag 
_struct_conn.pdbx_PDB_id 
_struct_conn.ptnr1_label_asym_id 
_struct_conn.ptnr1_label_comp_id 
_struct_conn.ptnr1_label_seq_id 
_struct_conn.ptnr1_label_atom_id 
_struct_conn.pdbx_ptnr1_label_alt_id 
_struct_conn.pdbx_ptnr1_PDB_ins_code 
_struct_conn.pdbx_ptnr1_standard_comp_id 
_struct_conn.ptnr1_symmetry 
_struct_conn.ptnr2_label_asym_id 
_struct_conn.ptnr2_label_comp_id 
_struct_conn.ptnr2_label_seq_id 
_struct_conn.ptnr2_label_atom_id 
_struct_conn.pdbx_ptnr2_label_alt_id 
_struct_conn.pdbx_ptnr2_PDB_ins_code 
_struct_conn.ptnr1_auth_asym_id 
_struct_conn.ptnr1_auth_comp_id 
_struct_conn.ptnr1_auth_seq_id 
_struct_conn.ptnr2_auth_asym_id 
_struct_conn.ptnr2_auth_comp_id 
_struct_conn.ptnr2_auth_seq_id 
_struct_conn.ptnr2_symmetry 
_struct_conn.pdbx_ptnr3_label_atom_id 
_struct_conn.pdbx_ptnr3_label_seq_id 
_struct_conn.pdbx_ptnr3_label_comp_id 
_struct_conn.pdbx_ptnr3_label_asym_id 
_struct_conn.pdbx_ptnr3_label_alt_id 
_struct_conn.pdbx_ptnr3_PDB_ins_code 
_struct_conn.details 
_struct_conn.pdbx_dist_value 
_struct_conn.pdbx_value_order 
_struct_conn.pdbx_role 
covale1  covale both ? A DC  5  "O3'" ? ? ? 1_555 A 2BU 6  P  ? ? A DC  5  A 2BU 6  1_555 ? ? ? ? ? ? ?            1.622 ? ? 
covale2  covale both ? A 2BU 6  "O3'" ? ? ? 1_555 A DA  7  P  ? ? A 2BU 6  A DA  7  1_555 ? ? ? ? ? ? ?            1.618 ? ? 
hydrog1  hydrog ?    ? A DC  1  N3    ? ? ? 1_555 B DG  11 N1 ? ? A DC  1  B DG  22 1_555 ? ? ? ? ? ? WATSON-CRICK ?     ? ? 
hydrog2  hydrog ?    ? A DC  1  N4    ? ? ? 1_555 B DG  11 O6 ? ? A DC  1  B DG  22 1_555 ? ? ? ? ? ? WATSON-CRICK ?     ? ? 
hydrog3  hydrog ?    ? A DC  1  O2    ? ? ? 1_555 B DG  11 N2 ? ? A DC  1  B DG  22 1_555 ? ? ? ? ? ? WATSON-CRICK ?     ? ? 
hydrog4  hydrog ?    ? A DG  2  N1    ? ? ? 1_555 B DC  10 N3 ? ? A DG  2  B DC  21 1_555 ? ? ? ? ? ? WATSON-CRICK ?     ? ? 
hydrog5  hydrog ?    ? A DG  2  N2    ? ? ? 1_555 B DC  10 O2 ? ? A DG  2  B DC  21 1_555 ? ? ? ? ? ? WATSON-CRICK ?     ? ? 
hydrog6  hydrog ?    ? A DG  2  O6    ? ? ? 1_555 B DC  10 N4 ? ? A DG  2  B DC  21 1_555 ? ? ? ? ? ? WATSON-CRICK ?     ? ? 
hydrog7  hydrog ?    ? A DG  3  N1    ? ? ? 1_555 B DC  9  N3 ? ? A DG  3  B DC  20 1_555 ? ? ? ? ? ? WATSON-CRICK ?     ? ? 
hydrog8  hydrog ?    ? A DG  3  N2    ? ? ? 1_555 B DC  9  O2 ? ? A DG  3  B DC  20 1_555 ? ? ? ? ? ? WATSON-CRICK ?     ? ? 
hydrog9  hydrog ?    ? A DG  3  O6    ? ? ? 1_555 B DC  9  N4 ? ? A DG  3  B DC  20 1_555 ? ? ? ? ? ? WATSON-CRICK ?     ? ? 
hydrog10 hydrog ?    ? A DA  4  N1    ? ? ? 1_555 B DT  8  N3 ? ? A DA  4  B DT  19 1_555 ? ? ? ? ? ? WATSON-CRICK ?     ? ? 
hydrog11 hydrog ?    ? A DA  4  N6    ? ? ? 1_555 B DT  8  O4 ? ? A DA  4  B DT  19 1_555 ? ? ? ? ? ? WATSON-CRICK ?     ? ? 
hydrog12 hydrog ?    ? A DC  5  N3    ? ? ? 1_555 B DG  7  N1 ? ? A DC  5  B DG  18 1_555 ? ? ? ? ? ? WATSON-CRICK ?     ? ? 
hydrog13 hydrog ?    ? A DC  5  N4    ? ? ? 1_555 B DG  7  O6 ? ? A DC  5  B DG  18 1_555 ? ? ? ? ? ? WATSON-CRICK ?     ? ? 
hydrog14 hydrog ?    ? A DC  5  O2    ? ? ? 1_555 B DG  7  N2 ? ? A DC  5  B DG  18 1_555 ? ? ? ? ? ? WATSON-CRICK ?     ? ? 
hydrog15 hydrog ?    ? A 2BU 6  N1    ? ? ? 1_555 B DT  6  N3 ? ? A 2BU 6  B DT  17 1_555 ? ? ? ? ? ? WATSON-CRICK ?     ? ? 
hydrog16 hydrog ?    ? A 2BU 6  N6    ? ? ? 1_555 B DT  6  O4 ? ? A 2BU 6  B DT  17 1_555 ? ? ? ? ? ? WATSON-CRICK ?     ? ? 
hydrog17 hydrog ?    ? A DA  7  N1    ? ? ? 1_555 B DT  5  N3 ? ? A DA  7  B DT  16 1_555 ? ? ? ? ? ? WATSON-CRICK ?     ? ? 
hydrog18 hydrog ?    ? A DA  7  N6    ? ? ? 1_555 B DT  5  O4 ? ? A DA  7  B DT  16 1_555 ? ? ? ? ? ? WATSON-CRICK ?     ? ? 
hydrog19 hydrog ?    ? A DG  8  N1    ? ? ? 1_555 B DC  4  N3 ? ? A DG  8  B DC  15 1_555 ? ? ? ? ? ? WATSON-CRICK ?     ? ? 
hydrog20 hydrog ?    ? A DG  8  N2    ? ? ? 1_555 B DC  4  O2 ? ? A DG  8  B DC  15 1_555 ? ? ? ? ? ? WATSON-CRICK ?     ? ? 
hydrog21 hydrog ?    ? A DG  8  O6    ? ? ? 1_555 B DC  4  N4 ? ? A DG  8  B DC  15 1_555 ? ? ? ? ? ? WATSON-CRICK ?     ? ? 
hydrog22 hydrog ?    ? A DA  9  N1    ? ? ? 1_555 B DT  3  N3 ? ? A DA  9  B DT  14 1_555 ? ? ? ? ? ? WATSON-CRICK ?     ? ? 
hydrog23 hydrog ?    ? A DA  9  N6    ? ? ? 1_555 B DT  3  O4 ? ? A DA  9  B DT  14 1_555 ? ? ? ? ? ? WATSON-CRICK ?     ? ? 
hydrog24 hydrog ?    ? A DA  10 N1    ? ? ? 1_555 B DT  2  N3 ? ? A DA  10 B DT  13 1_555 ? ? ? ? ? ? WATSON-CRICK ?     ? ? 
hydrog25 hydrog ?    ? A DA  10 N6    ? ? ? 1_555 B DT  2  O4 ? ? A DA  10 B DT  13 1_555 ? ? ? ? ? ? WATSON-CRICK ?     ? ? 
hydrog26 hydrog ?    ? A DG  11 N1    ? ? ? 1_555 B DC  1  N3 ? ? A DG  11 B DC  12 1_555 ? ? ? ? ? ? WATSON-CRICK ?     ? ? 
hydrog27 hydrog ?    ? A DG  11 N2    ? ? ? 1_555 B DC  1  O2 ? ? A DG  11 B DC  12 1_555 ? ? ? ? ? ? WATSON-CRICK ?     ? ? 
hydrog28 hydrog ?    ? A DG  11 O6    ? ? ? 1_555 B DC  1  N4 ? ? A DG  11 B DC  12 1_555 ? ? ? ? ? ? WATSON-CRICK ?     ? ? 
# 
loop_
_struct_conn_type.id 
_struct_conn_type.criteria 
_struct_conn_type.reference 
covale ? ? 
hydrog ? ? 
# 
_pdbx_validate_rmsd_bond.id                        1 
_pdbx_validate_rmsd_bond.PDB_model_num             1 
_pdbx_validate_rmsd_bond.auth_atom_id_1            C5 
_pdbx_validate_rmsd_bond.auth_asym_id_1            B 
_pdbx_validate_rmsd_bond.auth_comp_id_1            DT 
_pdbx_validate_rmsd_bond.auth_seq_id_1             17 
_pdbx_validate_rmsd_bond.PDB_ins_code_1            ? 
_pdbx_validate_rmsd_bond.label_alt_id_1            ? 
_pdbx_validate_rmsd_bond.auth_atom_id_2            C7 
_pdbx_validate_rmsd_bond.auth_asym_id_2            B 
_pdbx_validate_rmsd_bond.auth_comp_id_2            DT 
_pdbx_validate_rmsd_bond.auth_seq_id_2             17 
_pdbx_validate_rmsd_bond.PDB_ins_code_2            ? 
_pdbx_validate_rmsd_bond.label_alt_id_2            ? 
_pdbx_validate_rmsd_bond.bond_value                1.539 
_pdbx_validate_rmsd_bond.bond_target_value         1.496 
_pdbx_validate_rmsd_bond.bond_deviation            0.043 
_pdbx_validate_rmsd_bond.bond_standard_deviation   0.006 
_pdbx_validate_rmsd_bond.linker_flag               N 
# 
loop_
_pdbx_validate_rmsd_angle.id 
_pdbx_validate_rmsd_angle.PDB_model_num 
_pdbx_validate_rmsd_angle.auth_atom_id_1 
_pdbx_validate_rmsd_angle.auth_asym_id_1 
_pdbx_validate_rmsd_angle.auth_comp_id_1 
_pdbx_validate_rmsd_angle.auth_seq_id_1 
_pdbx_validate_rmsd_angle.PDB_ins_code_1 
_pdbx_validate_rmsd_angle.label_alt_id_1 
_pdbx_validate_rmsd_angle.auth_atom_id_2 
_pdbx_validate_rmsd_angle.auth_asym_id_2 
_pdbx_validate_rmsd_angle.auth_comp_id_2 
_pdbx_validate_rmsd_angle.auth_seq_id_2 
_pdbx_validate_rmsd_angle.PDB_ins_code_2 
_pdbx_validate_rmsd_angle.label_alt_id_2 
_pdbx_validate_rmsd_angle.auth_atom_id_3 
_pdbx_validate_rmsd_angle.auth_asym_id_3 
_pdbx_validate_rmsd_angle.auth_comp_id_3 
_pdbx_validate_rmsd_angle.auth_seq_id_3 
_pdbx_validate_rmsd_angle.PDB_ins_code_3 
_pdbx_validate_rmsd_angle.label_alt_id_3 
_pdbx_validate_rmsd_angle.angle_value 
_pdbx_validate_rmsd_angle.angle_target_value 
_pdbx_validate_rmsd_angle.angle_deviation 
_pdbx_validate_rmsd_angle.angle_standard_deviation 
_pdbx_validate_rmsd_angle.linker_flag 
1  1 "O4'" A DC 1  ? ? "C1'" A DC 1  ? ? N1 A DC 1  ? ? 110.62 108.30 2.32  0.30 N 
2  1 "O4'" A DG 2  ? ? "C1'" A DG 2  ? ? N9 A DG 2  ? ? 110.72 108.30 2.42  0.30 N 
3  1 N7    A DG 2  ? ? C8    A DG 2  ? ? N9 A DG 2  ? ? 117.58 113.10 4.48  0.50 N 
4  1 C8    A DG 2  ? ? N9    A DG 2  ? ? C4 A DG 2  ? ? 103.58 106.40 -2.82 0.40 N 
5  1 "O4'" A DG 3  ? ? "C1'" A DG 3  ? ? N9 A DG 3  ? ? 110.78 108.30 2.48  0.30 N 
6  1 N7    A DG 3  ? ? C8    A DG 3  ? ? N9 A DG 3  ? ? 117.71 113.10 4.61  0.50 N 
7  1 C8    A DG 3  ? ? N9    A DG 3  ? ? C4 A DG 3  ? ? 103.60 106.40 -2.80 0.40 N 
8  1 "O4'" A DA 4  ? ? "C1'" A DA 4  ? ? N9 A DA 4  ? ? 110.75 108.30 2.45  0.30 N 
9  1 N7    A DA 4  ? ? C8    A DA 4  ? ? N9 A DA 4  ? ? 117.58 113.80 3.78  0.50 N 
10 1 "O4'" A DC 5  ? ? "C1'" A DC 5  ? ? N1 A DC 5  ? ? 110.91 108.30 2.61  0.30 N 
11 1 "O4'" A DA 7  ? ? "C1'" A DA 7  ? ? N9 A DA 7  ? ? 110.35 108.30 2.05  0.30 N 
12 1 N7    A DA 7  ? ? C8    A DA 7  ? ? N9 A DA 7  ? ? 117.68 113.80 3.88  0.50 N 
13 1 "O4'" A DG 8  ? ? "C1'" A DG 8  ? ? N9 A DG 8  ? ? 110.86 108.30 2.56  0.30 N 
14 1 N7    A DG 8  ? ? C8    A DG 8  ? ? N9 A DG 8  ? ? 117.72 113.10 4.62  0.50 N 
15 1 C8    A DG 8  ? ? N9    A DG 8  ? ? C4 A DG 8  ? ? 103.63 106.40 -2.77 0.40 N 
16 1 "O4'" A DA 9  ? ? "C1'" A DA 9  ? ? N9 A DA 9  ? ? 110.62 108.30 2.32  0.30 N 
17 1 N7    A DA 9  ? ? C8    A DA 9  ? ? N9 A DA 9  ? ? 117.59 113.80 3.79  0.50 N 
18 1 "O4'" A DA 10 ? ? "C1'" A DA 10 ? ? N9 A DA 10 ? ? 110.61 108.30 2.31  0.30 N 
19 1 N7    A DA 10 ? ? C8    A DA 10 ? ? N9 A DA 10 ? ? 117.57 113.80 3.77  0.50 N 
20 1 "O4'" A DG 11 ? ? "C1'" A DG 11 ? ? N9 A DG 11 ? ? 112.36 108.30 4.06  0.30 N 
21 1 N7    A DG 11 ? ? C8    A DG 11 ? ? N9 A DG 11 ? ? 117.59 113.10 4.49  0.50 N 
22 1 C8    A DG 11 ? ? N9    A DG 11 ? ? C4 A DG 11 ? ? 103.27 106.40 -3.13 0.40 N 
23 1 "O4'" B DC 12 ? ? "C1'" B DC 12 ? ? N1 B DC 12 ? ? 110.65 108.30 2.35  0.30 N 
24 1 "O4'" B DT 13 ? ? "C1'" B DT 13 ? ? N1 B DT 13 ? ? 111.39 108.30 3.09  0.30 N 
25 1 "O4'" B DT 14 ? ? "C1'" B DT 14 ? ? N1 B DT 14 ? ? 111.03 108.30 2.73  0.30 N 
26 1 "O4'" B DC 15 ? ? "C1'" B DC 15 ? ? N1 B DC 15 ? ? 110.75 108.30 2.45  0.30 N 
27 1 "O4'" B DT 16 ? ? "C1'" B DT 16 ? ? N1 B DT 16 ? ? 110.53 108.30 2.23  0.30 N 
28 1 "O4'" B DT 17 ? ? "C1'" B DT 17 ? ? N1 B DT 17 ? ? 110.55 108.30 2.25  0.30 N 
29 1 "O4'" B DG 18 ? ? "C1'" B DG 18 ? ? N9 B DG 18 ? ? 110.87 108.30 2.57  0.30 N 
30 1 N7    B DG 18 ? ? C8    B DG 18 ? ? N9 B DG 18 ? ? 117.70 113.10 4.60  0.50 N 
31 1 C8    B DG 18 ? ? N9    B DG 18 ? ? C4 B DG 18 ? ? 103.65 106.40 -2.75 0.40 N 
32 1 "O4'" B DT 19 ? ? "C1'" B DT 19 ? ? N1 B DT 19 ? ? 110.98 108.30 2.68  0.30 N 
33 1 C6    B DT 19 ? ? C5    B DT 19 ? ? C7 B DT 19 ? ? 118.86 122.90 -4.04 0.60 N 
34 1 "O4'" B DC 20 ? ? "C1'" B DC 20 ? ? N1 B DC 20 ? ? 112.17 108.30 3.87  0.30 N 
35 1 "O4'" B DC 21 ? ? "C1'" B DC 21 ? ? N1 B DC 21 ? ? 110.55 108.30 2.25  0.30 N 
36 1 "O4'" B DG 22 ? ? "C1'" B DG 22 ? ? N9 B DG 22 ? ? 110.51 108.30 2.21  0.30 N 
37 1 N7    B DG 22 ? ? C8    B DG 22 ? ? N9 B DG 22 ? ? 117.58 113.10 4.48  0.50 N 
38 1 C8    B DG 22 ? ? N9    B DG 22 ? ? C4 B DG 22 ? ? 103.66 106.40 -2.74 0.40 N 
# 
_pdbx_validate_chiral.id              1 
_pdbx_validate_chiral.PDB_model_num   1 
_pdbx_validate_chiral.auth_atom_id    CB2 
_pdbx_validate_chiral.label_alt_id    ? 
_pdbx_validate_chiral.auth_asym_id    A 
_pdbx_validate_chiral.auth_comp_id    2BU 
_pdbx_validate_chiral.auth_seq_id     6 
_pdbx_validate_chiral.PDB_ins_code    ? 
_pdbx_validate_chiral.details         'WRONG HAND' 
_pdbx_validate_chiral.omega           . 
# 
_pdbx_struct_mod_residue.id               1 
_pdbx_struct_mod_residue.label_asym_id    A 
_pdbx_struct_mod_residue.label_comp_id    2BU 
_pdbx_struct_mod_residue.label_seq_id     6 
_pdbx_struct_mod_residue.auth_asym_id     A 
_pdbx_struct_mod_residue.auth_comp_id     2BU 
_pdbx_struct_mod_residue.auth_seq_id      6 
_pdbx_struct_mod_residue.PDB_ins_code     ? 
_pdbx_struct_mod_residue.parent_comp_id   DA 
_pdbx_struct_mod_residue.details          ? 
# 
_pdbx_nmr_ensemble.entry_id                             1U6C 
_pdbx_nmr_ensemble.conformers_calculated_total_number   ? 
_pdbx_nmr_ensemble.conformers_submitted_total_number    1 
_pdbx_nmr_ensemble.conformer_selection_criteria         ? 
# 
_pdbx_nmr_exptl.experiment_id   1 
_pdbx_nmr_exptl.solution_id     1 
_pdbx_nmr_exptl.conditions_id   1 
_pdbx_nmr_exptl.type            '2D NOESY' 
# 
_pdbx_nmr_refine.entry_id           1U6C 
_pdbx_nmr_refine.method             
'distance geometry, simulated annealing, molecular dynamics, matrix relaxation, torsion angle dynamics' 
_pdbx_nmr_refine.details            ? 
_pdbx_nmr_refine.software_ordinal   1 
# 
loop_
_chem_comp_atom.comp_id 
_chem_comp_atom.atom_id 
_chem_comp_atom.type_symbol 
_chem_comp_atom.pdbx_aromatic_flag 
_chem_comp_atom.pdbx_stereo_config 
_chem_comp_atom.pdbx_ordinal 
2BU P      P N N 1   
2BU OP1    O N N 2   
2BU OP2    O N N 3   
2BU OP3    O N N 4   
2BU "O5'"  O N N 5   
2BU "C5'"  C N N 6   
2BU "C4'"  C N R 7   
2BU "O4'"  O N N 8   
2BU "C1'"  C N R 9   
2BU N9     N Y N 10  
2BU C4     C Y N 11  
2BU N3     N Y N 12  
2BU C2     C Y N 13  
2BU N1     N Y N 14  
2BU C6     C Y N 15  
2BU N6     N N N 16  
2BU CB1    C N N 17  
2BU CB2    C N R 18  
2BU OH2    O N N 19  
2BU CB3    C N S 20  
2BU OH3    O N N 21  
2BU CB4    C N N 22  
2BU OH4    O N N 23  
2BU C5     C Y N 24  
2BU N7     N Y N 25  
2BU C8     C Y N 26  
2BU "C2'"  C N N 27  
2BU "C3'"  C N S 28  
2BU "O3'"  O N N 29  
2BU HOP2   H N N 30  
2BU HOP3   H N N 31  
2BU "H5'"  H N N 32  
2BU "H5''" H N N 33  
2BU "H4'"  H N N 34  
2BU "H1'"  H N N 35  
2BU H2     H N N 36  
2BU H6     H N N 37  
2BU HB12   H N N 38  
2BU HB11   H N N 39  
2BU HB2    H N N 40  
2BU HO2    H N N 41  
2BU HB3    H N N 42  
2BU HO3    H N N 43  
2BU HB41   H N N 44  
2BU HB42   H N N 45  
2BU HO4    H N N 46  
2BU H8     H N N 47  
2BU "H2'"  H N N 48  
2BU "H2''" H N N 49  
2BU "H3'"  H N N 50  
2BU "HO3'" H N N 51  
DA  OP3    O N N 52  
DA  P      P N N 53  
DA  OP1    O N N 54  
DA  OP2    O N N 55  
DA  "O5'"  O N N 56  
DA  "C5'"  C N N 57  
DA  "C4'"  C N R 58  
DA  "O4'"  O N N 59  
DA  "C3'"  C N S 60  
DA  "O3'"  O N N 61  
DA  "C2'"  C N N 62  
DA  "C1'"  C N R 63  
DA  N9     N Y N 64  
DA  C8     C Y N 65  
DA  N7     N Y N 66  
DA  C5     C Y N 67  
DA  C6     C Y N 68  
DA  N6     N N N 69  
DA  N1     N Y N 70  
DA  C2     C Y N 71  
DA  N3     N Y N 72  
DA  C4     C Y N 73  
DA  HOP3   H N N 74  
DA  HOP2   H N N 75  
DA  "H5'"  H N N 76  
DA  "H5''" H N N 77  
DA  "H4'"  H N N 78  
DA  "H3'"  H N N 79  
DA  "HO3'" H N N 80  
DA  "H2'"  H N N 81  
DA  "H2''" H N N 82  
DA  "H1'"  H N N 83  
DA  H8     H N N 84  
DA  H61    H N N 85  
DA  H62    H N N 86  
DA  H2     H N N 87  
DC  OP3    O N N 88  
DC  P      P N N 89  
DC  OP1    O N N 90  
DC  OP2    O N N 91  
DC  "O5'"  O N N 92  
DC  "C5'"  C N N 93  
DC  "C4'"  C N R 94  
DC  "O4'"  O N N 95  
DC  "C3'"  C N S 96  
DC  "O3'"  O N N 97  
DC  "C2'"  C N N 98  
DC  "C1'"  C N R 99  
DC  N1     N N N 100 
DC  C2     C N N 101 
DC  O2     O N N 102 
DC  N3     N N N 103 
DC  C4     C N N 104 
DC  N4     N N N 105 
DC  C5     C N N 106 
DC  C6     C N N 107 
DC  HOP3   H N N 108 
DC  HOP2   H N N 109 
DC  "H5'"  H N N 110 
DC  "H5''" H N N 111 
DC  "H4'"  H N N 112 
DC  "H3'"  H N N 113 
DC  "HO3'" H N N 114 
DC  "H2'"  H N N 115 
DC  "H2''" H N N 116 
DC  "H1'"  H N N 117 
DC  H41    H N N 118 
DC  H42    H N N 119 
DC  H5     H N N 120 
DC  H6     H N N 121 
DG  OP3    O N N 122 
DG  P      P N N 123 
DG  OP1    O N N 124 
DG  OP2    O N N 125 
DG  "O5'"  O N N 126 
DG  "C5'"  C N N 127 
DG  "C4'"  C N R 128 
DG  "O4'"  O N N 129 
DG  "C3'"  C N S 130 
DG  "O3'"  O N N 131 
DG  "C2'"  C N N 132 
DG  "C1'"  C N R 133 
DG  N9     N Y N 134 
DG  C8     C Y N 135 
DG  N7     N Y N 136 
DG  C5     C Y N 137 
DG  C6     C N N 138 
DG  O6     O N N 139 
DG  N1     N N N 140 
DG  C2     C N N 141 
DG  N2     N N N 142 
DG  N3     N N N 143 
DG  C4     C Y N 144 
DG  HOP3   H N N 145 
DG  HOP2   H N N 146 
DG  "H5'"  H N N 147 
DG  "H5''" H N N 148 
DG  "H4'"  H N N 149 
DG  "H3'"  H N N 150 
DG  "HO3'" H N N 151 
DG  "H2'"  H N N 152 
DG  "H2''" H N N 153 
DG  "H1'"  H N N 154 
DG  H8     H N N 155 
DG  H1     H N N 156 
DG  H21    H N N 157 
DG  H22    H N N 158 
DT  OP3    O N N 159 
DT  P      P N N 160 
DT  OP1    O N N 161 
DT  OP2    O N N 162 
DT  "O5'"  O N N 163 
DT  "C5'"  C N N 164 
DT  "C4'"  C N R 165 
DT  "O4'"  O N N 166 
DT  "C3'"  C N S 167 
DT  "O3'"  O N N 168 
DT  "C2'"  C N N 169 
DT  "C1'"  C N R 170 
DT  N1     N N N 171 
DT  C2     C N N 172 
DT  O2     O N N 173 
DT  N3     N N N 174 
DT  C4     C N N 175 
DT  O4     O N N 176 
DT  C5     C N N 177 
DT  C7     C N N 178 
DT  C6     C N N 179 
DT  HOP3   H N N 180 
DT  HOP2   H N N 181 
DT  "H5'"  H N N 182 
DT  "H5''" H N N 183 
DT  "H4'"  H N N 184 
DT  "H3'"  H N N 185 
DT  "HO3'" H N N 186 
DT  "H2'"  H N N 187 
DT  "H2''" H N N 188 
DT  "H1'"  H N N 189 
DT  H3     H N N 190 
DT  H71    H N N 191 
DT  H72    H N N 192 
DT  H73    H N N 193 
DT  H6     H N N 194 
# 
loop_
_chem_comp_bond.comp_id 
_chem_comp_bond.atom_id_1 
_chem_comp_bond.atom_id_2 
_chem_comp_bond.value_order 
_chem_comp_bond.pdbx_aromatic_flag 
_chem_comp_bond.pdbx_stereo_config 
_chem_comp_bond.pdbx_ordinal 
2BU P     OP1    doub N N 1   
2BU P     OP2    sing N N 2   
2BU P     OP3    sing N N 3   
2BU P     "O5'"  sing N N 4   
2BU OP2   HOP2   sing N N 5   
2BU OP3   HOP3   sing N N 6   
2BU "O5'" "C5'"  sing N N 7   
2BU "C5'" "C4'"  sing N N 8   
2BU "C5'" "H5'"  sing N N 9   
2BU "C5'" "H5''" sing N N 10  
2BU "C4'" "O4'"  sing N N 11  
2BU "C4'" "C3'"  sing N N 12  
2BU "C4'" "H4'"  sing N N 13  
2BU "O4'" "C1'"  sing N N 14  
2BU "C1'" N9     sing N N 15  
2BU "C1'" "C2'"  sing N N 16  
2BU "C1'" "H1'"  sing N N 17  
2BU N9    C4     sing Y N 18  
2BU N9    C8     sing Y N 19  
2BU C4    N3     sing Y N 20  
2BU C4    C5     doub Y N 21  
2BU N3    C2     doub Y N 22  
2BU C2    N1     sing Y N 23  
2BU C2    H2     sing N N 24  
2BU N1    C6     doub Y N 25  
2BU C6    N6     sing N N 26  
2BU C6    C5     sing Y N 27  
2BU N6    CB1    sing N N 28  
2BU N6    H6     sing N N 29  
2BU CB1   CB2    sing N N 30  
2BU CB1   HB12   sing N N 31  
2BU CB1   HB11   sing N N 32  
2BU CB2   OH2    sing N N 33  
2BU CB2   CB3    sing N N 34  
2BU CB2   HB2    sing N N 35  
2BU OH2   HO2    sing N N 36  
2BU CB3   OH3    sing N N 37  
2BU CB3   CB4    sing N N 38  
2BU CB3   HB3    sing N N 39  
2BU OH3   HO3    sing N N 40  
2BU CB4   OH4    sing N N 41  
2BU CB4   HB41   sing N N 42  
2BU CB4   HB42   sing N N 43  
2BU OH4   HO4    sing N N 44  
2BU C5    N7     sing Y N 45  
2BU N7    C8     doub Y N 46  
2BU C8    H8     sing N N 47  
2BU "C2'" "C3'"  sing N N 48  
2BU "C2'" "H2'"  sing N N 49  
2BU "C2'" "H2''" sing N N 50  
2BU "C3'" "O3'"  sing N N 51  
2BU "C3'" "H3'"  sing N N 52  
2BU "O3'" "HO3'" sing N N 53  
DA  OP3   P      sing N N 54  
DA  OP3   HOP3   sing N N 55  
DA  P     OP1    doub N N 56  
DA  P     OP2    sing N N 57  
DA  P     "O5'"  sing N N 58  
DA  OP2   HOP2   sing N N 59  
DA  "O5'" "C5'"  sing N N 60  
DA  "C5'" "C4'"  sing N N 61  
DA  "C5'" "H5'"  sing N N 62  
DA  "C5'" "H5''" sing N N 63  
DA  "C4'" "O4'"  sing N N 64  
DA  "C4'" "C3'"  sing N N 65  
DA  "C4'" "H4'"  sing N N 66  
DA  "O4'" "C1'"  sing N N 67  
DA  "C3'" "O3'"  sing N N 68  
DA  "C3'" "C2'"  sing N N 69  
DA  "C3'" "H3'"  sing N N 70  
DA  "O3'" "HO3'" sing N N 71  
DA  "C2'" "C1'"  sing N N 72  
DA  "C2'" "H2'"  sing N N 73  
DA  "C2'" "H2''" sing N N 74  
DA  "C1'" N9     sing N N 75  
DA  "C1'" "H1'"  sing N N 76  
DA  N9    C8     sing Y N 77  
DA  N9    C4     sing Y N 78  
DA  C8    N7     doub Y N 79  
DA  C8    H8     sing N N 80  
DA  N7    C5     sing Y N 81  
DA  C5    C6     sing Y N 82  
DA  C5    C4     doub Y N 83  
DA  C6    N6     sing N N 84  
DA  C6    N1     doub Y N 85  
DA  N6    H61    sing N N 86  
DA  N6    H62    sing N N 87  
DA  N1    C2     sing Y N 88  
DA  C2    N3     doub Y N 89  
DA  C2    H2     sing N N 90  
DA  N3    C4     sing Y N 91  
DC  OP3   P      sing N N 92  
DC  OP3   HOP3   sing N N 93  
DC  P     OP1    doub N N 94  
DC  P     OP2    sing N N 95  
DC  P     "O5'"  sing N N 96  
DC  OP2   HOP2   sing N N 97  
DC  "O5'" "C5'"  sing N N 98  
DC  "C5'" "C4'"  sing N N 99  
DC  "C5'" "H5'"  sing N N 100 
DC  "C5'" "H5''" sing N N 101 
DC  "C4'" "O4'"  sing N N 102 
DC  "C4'" "C3'"  sing N N 103 
DC  "C4'" "H4'"  sing N N 104 
DC  "O4'" "C1'"  sing N N 105 
DC  "C3'" "O3'"  sing N N 106 
DC  "C3'" "C2'"  sing N N 107 
DC  "C3'" "H3'"  sing N N 108 
DC  "O3'" "HO3'" sing N N 109 
DC  "C2'" "C1'"  sing N N 110 
DC  "C2'" "H2'"  sing N N 111 
DC  "C2'" "H2''" sing N N 112 
DC  "C1'" N1     sing N N 113 
DC  "C1'" "H1'"  sing N N 114 
DC  N1    C2     sing N N 115 
DC  N1    C6     sing N N 116 
DC  C2    O2     doub N N 117 
DC  C2    N3     sing N N 118 
DC  N3    C4     doub N N 119 
DC  C4    N4     sing N N 120 
DC  C4    C5     sing N N 121 
DC  N4    H41    sing N N 122 
DC  N4    H42    sing N N 123 
DC  C5    C6     doub N N 124 
DC  C5    H5     sing N N 125 
DC  C6    H6     sing N N 126 
DG  OP3   P      sing N N 127 
DG  OP3   HOP3   sing N N 128 
DG  P     OP1    doub N N 129 
DG  P     OP2    sing N N 130 
DG  P     "O5'"  sing N N 131 
DG  OP2   HOP2   sing N N 132 
DG  "O5'" "C5'"  sing N N 133 
DG  "C5'" "C4'"  sing N N 134 
DG  "C5'" "H5'"  sing N N 135 
DG  "C5'" "H5''" sing N N 136 
DG  "C4'" "O4'"  sing N N 137 
DG  "C4'" "C3'"  sing N N 138 
DG  "C4'" "H4'"  sing N N 139 
DG  "O4'" "C1'"  sing N N 140 
DG  "C3'" "O3'"  sing N N 141 
DG  "C3'" "C2'"  sing N N 142 
DG  "C3'" "H3'"  sing N N 143 
DG  "O3'" "HO3'" sing N N 144 
DG  "C2'" "C1'"  sing N N 145 
DG  "C2'" "H2'"  sing N N 146 
DG  "C2'" "H2''" sing N N 147 
DG  "C1'" N9     sing N N 148 
DG  "C1'" "H1'"  sing N N 149 
DG  N9    C8     sing Y N 150 
DG  N9    C4     sing Y N 151 
DG  C8    N7     doub Y N 152 
DG  C8    H8     sing N N 153 
DG  N7    C5     sing Y N 154 
DG  C5    C6     sing N N 155 
DG  C5    C4     doub Y N 156 
DG  C6    O6     doub N N 157 
DG  C6    N1     sing N N 158 
DG  N1    C2     sing N N 159 
DG  N1    H1     sing N N 160 
DG  C2    N2     sing N N 161 
DG  C2    N3     doub N N 162 
DG  N2    H21    sing N N 163 
DG  N2    H22    sing N N 164 
DG  N3    C4     sing N N 165 
DT  OP3   P      sing N N 166 
DT  OP3   HOP3   sing N N 167 
DT  P     OP1    doub N N 168 
DT  P     OP2    sing N N 169 
DT  P     "O5'"  sing N N 170 
DT  OP2   HOP2   sing N N 171 
DT  "O5'" "C5'"  sing N N 172 
DT  "C5'" "C4'"  sing N N 173 
DT  "C5'" "H5'"  sing N N 174 
DT  "C5'" "H5''" sing N N 175 
DT  "C4'" "O4'"  sing N N 176 
DT  "C4'" "C3'"  sing N N 177 
DT  "C4'" "H4'"  sing N N 178 
DT  "O4'" "C1'"  sing N N 179 
DT  "C3'" "O3'"  sing N N 180 
DT  "C3'" "C2'"  sing N N 181 
DT  "C3'" "H3'"  sing N N 182 
DT  "O3'" "HO3'" sing N N 183 
DT  "C2'" "C1'"  sing N N 184 
DT  "C2'" "H2'"  sing N N 185 
DT  "C2'" "H2''" sing N N 186 
DT  "C1'" N1     sing N N 187 
DT  "C1'" "H1'"  sing N N 188 
DT  N1    C2     sing N N 189 
DT  N1    C6     sing N N 190 
DT  C2    O2     doub N N 191 
DT  C2    N3     sing N N 192 
DT  N3    C4     sing N N 193 
DT  N3    H3     sing N N 194 
DT  C4    O4     doub N N 195 
DT  C4    C5     sing N N 196 
DT  C5    C7     sing N N 197 
DT  C5    C6     doub N N 198 
DT  C7    H71    sing N N 199 
DT  C7    H72    sing N N 200 
DT  C7    H73    sing N N 201 
DT  C6    H6     sing N N 202 
# 
loop_
_ndb_struct_conf_na.entry_id 
_ndb_struct_conf_na.feature 
1U6C 'double helix'        
1U6C 'b-form double helix' 
# 
loop_
_ndb_struct_na_base_pair.model_number 
_ndb_struct_na_base_pair.i_label_asym_id 
_ndb_struct_na_base_pair.i_label_comp_id 
_ndb_struct_na_base_pair.i_label_seq_id 
_ndb_struct_na_base_pair.i_symmetry 
_ndb_struct_na_base_pair.j_label_asym_id 
_ndb_struct_na_base_pair.j_label_comp_id 
_ndb_struct_na_base_pair.j_label_seq_id 
_ndb_struct_na_base_pair.j_symmetry 
_ndb_struct_na_base_pair.shear 
_ndb_struct_na_base_pair.stretch 
_ndb_struct_na_base_pair.stagger 
_ndb_struct_na_base_pair.buckle 
_ndb_struct_na_base_pair.propeller 
_ndb_struct_na_base_pair.opening 
_ndb_struct_na_base_pair.pair_number 
_ndb_struct_na_base_pair.pair_name 
_ndb_struct_na_base_pair.i_auth_asym_id 
_ndb_struct_na_base_pair.i_auth_seq_id 
_ndb_struct_na_base_pair.i_PDB_ins_code 
_ndb_struct_na_base_pair.j_auth_asym_id 
_ndb_struct_na_base_pair.j_auth_seq_id 
_ndb_struct_na_base_pair.j_PDB_ins_code 
_ndb_struct_na_base_pair.hbond_type_28 
_ndb_struct_na_base_pair.hbond_type_12 
1 A DC  1  1_555 B DG 11 1_555 0.000  -0.486 -1.187 -12.195 22.925  -12.274 1  A_DC1:DG22_B  A 1  ? B 22 ? 19 1 
1 A DG  2  1_555 B DC 10 1_555 -0.131 -0.137 -0.053 1.283   8.827   -1.418  2  A_DG2:DC21_B  A 2  ? B 21 ? 19 1 
1 A DG  3  1_555 B DC 9  1_555 -0.068 -0.109 -0.201 -2.693  -2.985  -4.572  3  A_DG3:DC20_B  A 3  ? B 20 ? 19 1 
1 A DA  4  1_555 B DT 8  1_555 -0.019 -0.195 0.738  13.973  -0.618  5.074   4  A_DA4:DT19_B  A 4  ? B 19 ? 20 1 
1 A DC  5  1_555 B DG 7  1_555 0.208  -0.108 0.376  14.223  0.108   -1.529  5  A_DC5:DG18_B  A 5  ? B 18 ? 19 1 
1 A 2BU 6  1_555 B DT 6  1_555 0.067  -0.045 -0.047 8.791   -15.745 -15.335 6  A_2BU6:DT17_B A 6  ? B 17 ? 20 1 
1 A DA  7  1_555 B DT 5  1_555 0.025  -0.121 0.412  11.223  -5.918  -2.691  7  A_DA7:DT16_B  A 7  ? B 16 ? 20 1 
1 A DG  8  1_555 B DC 4  1_555 -0.129 -0.077 0.343  19.319  -6.151  -2.253  8  A_DG8:DC15_B  A 8  ? B 15 ? 19 1 
1 A DA  9  1_555 B DT 3  1_555 0.148  -0.072 0.338  21.571  -9.063  -1.413  9  A_DA9:DT14_B  A 9  ? B 14 ? 20 1 
1 A DA  10 1_555 B DT 2  1_555 0.087  -0.114 0.047  4.576   -12.397 1.882   10 A_DA10:DT13_B A 10 ? B 13 ? 20 1 
1 A DG  11 1_555 B DC 1  1_555 -0.139 -0.105 0.434  14.204  -2.897  -3.004  11 A_DG11:DC12_B A 11 ? B 12 ? 19 1 
# 
loop_
_ndb_struct_na_base_pair_step.model_number 
_ndb_struct_na_base_pair_step.i_label_asym_id_1 
_ndb_struct_na_base_pair_step.i_label_comp_id_1 
_ndb_struct_na_base_pair_step.i_label_seq_id_1 
_ndb_struct_na_base_pair_step.i_symmetry_1 
_ndb_struct_na_base_pair_step.j_label_asym_id_1 
_ndb_struct_na_base_pair_step.j_label_comp_id_1 
_ndb_struct_na_base_pair_step.j_label_seq_id_1 
_ndb_struct_na_base_pair_step.j_symmetry_1 
_ndb_struct_na_base_pair_step.i_label_asym_id_2 
_ndb_struct_na_base_pair_step.i_label_comp_id_2 
_ndb_struct_na_base_pair_step.i_label_seq_id_2 
_ndb_struct_na_base_pair_step.i_symmetry_2 
_ndb_struct_na_base_pair_step.j_label_asym_id_2 
_ndb_struct_na_base_pair_step.j_label_comp_id_2 
_ndb_struct_na_base_pair_step.j_label_seq_id_2 
_ndb_struct_na_base_pair_step.j_symmetry_2 
_ndb_struct_na_base_pair_step.shift 
_ndb_struct_na_base_pair_step.slide 
_ndb_struct_na_base_pair_step.rise 
_ndb_struct_na_base_pair_step.tilt 
_ndb_struct_na_base_pair_step.roll 
_ndb_struct_na_base_pair_step.twist 
_ndb_struct_na_base_pair_step.x_displacement 
_ndb_struct_na_base_pair_step.y_displacement 
_ndb_struct_na_base_pair_step.helical_rise 
_ndb_struct_na_base_pair_step.inclination 
_ndb_struct_na_base_pair_step.tip 
_ndb_struct_na_base_pair_step.helical_twist 
_ndb_struct_na_base_pair_step.step_number 
_ndb_struct_na_base_pair_step.step_name 
_ndb_struct_na_base_pair_step.i_auth_asym_id_1 
_ndb_struct_na_base_pair_step.i_auth_seq_id_1 
_ndb_struct_na_base_pair_step.i_PDB_ins_code_1 
_ndb_struct_na_base_pair_step.j_auth_asym_id_1 
_ndb_struct_na_base_pair_step.j_auth_seq_id_1 
_ndb_struct_na_base_pair_step.j_PDB_ins_code_1 
_ndb_struct_na_base_pair_step.i_auth_asym_id_2 
_ndb_struct_na_base_pair_step.i_auth_seq_id_2 
_ndb_struct_na_base_pair_step.i_PDB_ins_code_2 
_ndb_struct_na_base_pair_step.j_auth_asym_id_2 
_ndb_struct_na_base_pair_step.j_auth_seq_id_2 
_ndb_struct_na_base_pair_step.j_PDB_ins_code_2 
1 A DC  1  1_555 B DG 11 1_555 A DG  2  1_555 B DC 10 1_555 0.111  0.894  3.551 -4.332 5.614   21.001 -0.058 -2.127 3.571 14.867  
11.470 22.153 1  AA_DC1DG2:DC21DG22_BB   A 1  ? B 22 ? A 2  ? B 21 ? 
1 A DG  2  1_555 B DC 10 1_555 A DG  3  1_555 B DC 9  1_555 -0.749 1.672  3.937 -5.067 -13.879 43.462 3.531  0.457  3.343 -18.129 
6.618  45.790 2  AA_DG2DG3:DC20DC21_BB   A 2  ? B 21 ? A 3  ? B 20 ? 
1 A DG  3  1_555 B DC 9  1_555 A DA  4  1_555 B DT 8  1_555 0.152  0.513  3.090 -9.272 -18.480 32.870 2.838  -1.266 2.366 -29.327 
14.714 38.679 3  AA_DG3DA4:DT19DC20_BB   A 3  ? B 20 ? A 4  ? B 19 ? 
1 A DA  4  1_555 B DT 8  1_555 A DC  5  1_555 B DG 7  1_555 -0.383 -0.207 3.357 0.852  -2.239  33.418 0.019  0.808  3.353 -3.888  
-1.479 33.501 4  AA_DA4DC5:DG18DT19_BB   A 4  ? B 19 ? A 5  ? B 18 ? 
1 A DC  5  1_555 B DG 7  1_555 A 2BU 6  1_555 B DT 6  1_555 -1.259 0.163  3.322 2.976  -1.833  34.807 0.547  2.543  3.194 -3.055  
-4.959 34.977 5  AA_DC52BU6:DT17DG18_BB  A 5  ? B 18 ? A 6  ? B 17 ? 
1 A 2BU 6  1_555 B DT 6  1_555 A DA  7  1_555 B DT 5  1_555 1.563  1.175  3.329 -5.126 -16.269 41.243 2.950  -2.504 2.515 -21.998 
6.931  44.489 6  AA_2BU6DA7:DT16DT17_BB  A 6  ? B 17 ? A 7  ? B 16 ? 
1 A DA  7  1_555 B DT 5  1_555 A DG  8  1_555 B DC 4  1_555 0.404  0.164  3.066 2.130  -8.367  35.153 1.369  -0.370 2.969 -13.602 
-3.463 36.165 7  AA_DA7DG8:DC15DT16_BB   A 7  ? B 16 ? A 8  ? B 15 ? 
1 A DG  8  1_555 B DC 4  1_555 A DA  9  1_555 B DT 3  1_555 0.183  0.348  3.064 -0.330 -8.926  42.803 1.261  -0.276 2.936 -12.073 
0.447  43.682 8  AA_DG8DA9:DT14DC15_BB   A 8  ? B 15 ? A 9  ? B 14 ? 
1 A DA  9  1_555 B DT 3  1_555 A DA  10 1_555 B DT 2  1_555 0.696  -0.152 4.433 3.224  -37.964 41.141 3.005  -0.478 3.483 -44.343 
-3.765 55.506 9  AA_DA9DA10:DT13DT14_BB  A 9  ? B 14 ? A 10 ? B 13 ? 
1 A DA  10 1_555 B DT 2  1_555 A DG  11 1_555 B DC 1  1_555 0.265  -0.363 2.774 -2.147 -3.580  29.828 -0.076 -0.885 2.772 -6.912  
4.145  30.112 10 AA_DA10DG11:DC12DT13_BB A 10 ? B 13 ? A 11 ? B 12 ? 
# 
_pdbx_nmr_spectrometer.spectrometer_id   1 
_pdbx_nmr_spectrometer.type              ? 
_pdbx_nmr_spectrometer.manufacturer      Bruker 
_pdbx_nmr_spectrometer.model             DMX 
_pdbx_nmr_spectrometer.field_strength    800 
# 
_atom_sites.entry_id                    1U6C 
_atom_sites.fract_transf_matrix[1][1]   1.000000 
_atom_sites.fract_transf_matrix[1][2]   0.000000 
_atom_sites.fract_transf_matrix[1][3]   0.000000 
_atom_sites.fract_transf_matrix[2][1]   0.000000 
_atom_sites.fract_transf_matrix[2][2]   1.000000 
_atom_sites.fract_transf_matrix[2][3]   0.000000 
_atom_sites.fract_transf_matrix[3][1]   0.000000 
_atom_sites.fract_transf_matrix[3][2]   0.000000 
_atom_sites.fract_transf_matrix[3][3]   1.000000 
_atom_sites.fract_transf_vector[1]      0.00000 
_atom_sites.fract_transf_vector[2]      0.00000 
_atom_sites.fract_transf_vector[3]      0.00000 
# 
loop_
_atom_type.symbol 
C 
H 
N 
O 
P 
# 
loop_
_atom_site.group_PDB 
_atom_site.id 
_atom_site.type_symbol 
_atom_site.label_atom_id 
_atom_site.label_alt_id 
_atom_site.label_comp_id 
_atom_site.label_asym_id 
_atom_site.label_entity_id 
_atom_site.label_seq_id 
_atom_site.pdbx_PDB_ins_code 
_atom_site.Cartn_x 
_atom_site.Cartn_y 
_atom_site.Cartn_z 
_atom_site.occupancy 
_atom_site.B_iso_or_equiv 
_atom_site.pdbx_formal_charge 
_atom_site.auth_seq_id 
_atom_site.auth_comp_id 
_atom_site.auth_asym_id 
_atom_site.auth_atom_id 
_atom_site.pdbx_PDB_model_num 
ATOM   1   O "O5'"  . DC  A 1 1  ? 14.624  15.910  7.791   1.00 0.74 ? 1  DC  A "O5'"  1 
ATOM   2   C "C5'"  . DC  A 1 1  ? 14.718  14.527  7.433   1.00 0.68 ? 1  DC  A "C5'"  1 
ATOM   3   C "C4'"  . DC  A 1 1  ? 13.401  13.824  7.764   1.00 0.58 ? 1  DC  A "C4'"  1 
ATOM   4   O "O4'"  . DC  A 1 1  ? 12.321  14.403  7.011   1.00 0.64 ? 1  DC  A "O4'"  1 
ATOM   5   C "C3'"  . DC  A 1 1  ? 13.466  12.335  7.442   1.00 0.56 ? 1  DC  A "C3'"  1 
ATOM   6   O "O3'"  . DC  A 1 1  ? 13.359  11.540  8.641   1.00 0.49 ? 1  DC  A "O3'"  1 
ATOM   7   C "C2'"  . DC  A 1 1  ? 12.308  12.050  6.502   1.00 0.61 ? 1  DC  A "C2'"  1 
ATOM   8   C "C1'"  . DC  A 1 1  ? 11.652  13.398  6.226   1.00 0.63 ? 1  DC  A "C1'"  1 
ATOM   9   N N1     . DC  A 1 1  ? 11.711  13.737  4.784   1.00 0.72 ? 1  DC  A N1     1 
ATOM   10  C C2     . DC  A 1 1  ? 10.513  14.014  4.135   1.00 0.69 ? 1  DC  A C2     1 
ATOM   11  O O2     . DC  A 1 1  ? 9.442   13.959  4.747   1.00 0.62 ? 1  DC  A O2     1 
ATOM   12  N N3     . DC  A 1 1  ? 10.559  14.350  2.815   1.00 0.75 ? 1  DC  A N3     1 
ATOM   13  C C4     . DC  A 1 1  ? 11.721  14.409  2.157   1.00 0.86 ? 1  DC  A C4     1 
ATOM   14  N N4     . DC  A 1 1  ? 11.721  14.732  0.863   1.00 0.94 ? 1  DC  A N4     1 
ATOM   15  C C5     . DC  A 1 1  ? 12.957  14.125  2.819   1.00 0.94 ? 1  DC  A C5     1 
ATOM   16  C C6     . DC  A 1 1  ? 12.908  13.794  4.123   1.00 0.87 ? 1  DC  A C6     1 
ATOM   17  H "H5'"  . DC  A 1 1  ? 15.532  14.061  7.989   1.00 0.67 ? 1  DC  A "H5'"  1 
ATOM   18  H "H5''" . DC  A 1 1  ? 14.914  14.449  6.363   1.00 0.77 ? 1  DC  A "H5''" 1 
ATOM   19  H "H4'"  . DC  A 1 1  ? 13.192  13.944  8.825   1.00 0.53 ? 1  DC  A "H4'"  1 
ATOM   20  H "H3'"  . DC  A 1 1  ? 14.416  12.112  6.944   1.00 0.64 ? 1  DC  A "H3'"  1 
ATOM   21  H "H2'"  . DC  A 1 1  ? 12.657  11.600  5.567   1.00 0.68 ? 1  DC  A "H2'"  1 
ATOM   22  H "H2''" . DC  A 1 1  ? 11.596  11.390  6.992   1.00 0.56 ? 1  DC  A "H2''" 1 
ATOM   23  H "H1'"  . DC  A 1 1  ? 10.609  13.349  6.532   1.00 0.62 ? 1  DC  A "H1'"  1 
ATOM   24  H H41    . DC  A 1 1  ? 10.850  14.933  0.394   1.00 0.92 ? 1  DC  A H41    1 
ATOM   25  H H42    . DC  A 1 1  ? 12.592  14.776  0.353   1.00 1.04 ? 1  DC  A H42    1 
ATOM   26  H H5     . DC  A 1 1  ? 13.906  14.173  2.284   1.00 1.06 ? 1  DC  A H5     1 
ATOM   27  H H6     . DC  A 1 1  ? 13.832  13.572  4.658   1.00 0.93 ? 1  DC  A H6     1 
ATOM   28  H "HO5'" . DC  A 1 1  ? 14.526  15.955  8.746   1.00 0.85 ? 1  DC  A "HO5'" 1 
ATOM   29  P P      . DG  A 1 2  ? 12.135  11.719  9.687   1.00 0.38 ? 2  DG  A P      1 
ATOM   30  O OP1    . DG  A 1 2  ? 12.113  13.128  10.143  1.00 0.44 ? 2  DG  A OP1    1 
ATOM   31  O OP2    . DG  A 1 2  ? 12.218  10.627  10.681  1.00 0.41 ? 2  DG  A OP2    1 
ATOM   32  O "O5'"  . DG  A 1 2  ? 10.836  11.463  8.769   1.00 0.36 ? 2  DG  A "O5'"  1 
ATOM   33  C "C5'"  . DG  A 1 2  ? 9.527   11.805  9.240   1.00 0.30 ? 2  DG  A "C5'"  1 
ATOM   34  C "C4'"  . DG  A 1 2  ? 8.514   10.700  8.945   1.00 0.25 ? 2  DG  A "C4'"  1 
ATOM   35  O "O4'"  . DG  A 1 2  ? 8.234   10.642  7.532   1.00 0.26 ? 2  DG  A "O4'"  1 
ATOM   36  C "C3'"  . DG  A 1 2  ? 9.059   9.330   9.360   1.00 0.26 ? 2  DG  A "C3'"  1 
ATOM   37  O "O3'"  . DG  A 1 2  ? 8.055   8.481   9.965   1.00 0.26 ? 2  DG  A "O3'"  1 
ATOM   38  C "C2'"  . DG  A 1 2  ? 9.538   8.716   8.072   1.00 0.29 ? 2  DG  A "C2'"  1 
ATOM   39  C "C1'"  . DG  A 1 2  ? 8.677   9.377   7.003   1.00 0.27 ? 2  DG  A "C1'"  1 
ATOM   40  N N9     . DG  A 1 2  ? 9.408   9.569   5.730   1.00 0.34 ? 2  DG  A N9     1 
ATOM   41  C C8     . DG  A 1 2  ? 10.735  9.471   5.451   1.00 0.50 ? 2  DG  A C8     1 
ATOM   42  N N7     . DG  A 1 2  ? 11.109  9.698   4.236   1.00 0.56 ? 2  DG  A N7     1 
ATOM   43  C C5     . DG  A 1 2  ? 9.892   9.983   3.612   1.00 0.42 ? 2  DG  A C5     1 
ATOM   44  C C6     . DG  A 1 2  ? 9.621   10.318  2.258   1.00 0.42 ? 2  DG  A C6     1 
ATOM   45  O O6     . DG  A 1 2  ? 10.414  10.427  1.326   1.00 0.52 ? 2  DG  A O6     1 
ATOM   46  N N1     . DG  A 1 2  ? 8.264   10.529  2.048   1.00 0.33 ? 2  DG  A N1     1 
ATOM   47  C C2     . DG  A 1 2  ? 7.284   10.431  3.014   1.00 0.29 ? 2  DG  A C2     1 
ATOM   48  N N2     . DG  A 1 2  ? 6.033   10.662  2.617   1.00 0.37 ? 2  DG  A N2     1 
ATOM   49  N N3     . DG  A 1 2  ? 7.531   10.116  4.288   1.00 0.25 ? 2  DG  A N3     1 
ATOM   50  C C4     . DG  A 1 2  ? 8.848   9.906   4.518   1.00 0.31 ? 2  DG  A C4     1 
ATOM   51  H "H5'"  . DG  A 1 2  ? 9.205   12.715  8.742   1.00 0.34 ? 2  DG  A "H5'"  1 
ATOM   52  H "H5''" . DG  A 1 2  ? 9.566   11.984  10.317  1.00 0.34 ? 2  DG  A "H5''" 1 
ATOM   53  H "H4'"  . DG  A 1 2  ? 7.594   10.910  9.482   1.00 0.25 ? 2  DG  A "H4'"  1 
ATOM   54  H "H3'"  . DG  A 1 2  ? 9.904   9.454   10.041  1.00 0.30 ? 2  DG  A "H3'"  1 
ATOM   55  H "H2'"  . DG  A 1 2  ? 10.587  8.963   7.918   1.00 0.33 ? 2  DG  A "H2'"  1 
ATOM   56  H "H2''" . DG  A 1 2  ? 9.391   7.636   8.074   1.00 0.31 ? 2  DG  A "H2''" 1 
ATOM   57  H "H1'"  . DG  A 1 2  ? 7.807   8.750   6.818   1.00 0.24 ? 2  DG  A "H1'"  1 
ATOM   58  H H8     . DG  A 1 2  ? 11.457  9.210   6.223   1.00 0.58 ? 2  DG  A H8     1 
ATOM   59  H H1     . DG  A 1 2  ? 7.995   10.771  1.105   1.00 0.36 ? 2  DG  A H1     1 
ATOM   60  H H21    . DG  A 1 2  ? 5.844   10.903  1.654   1.00 0.42 ? 2  DG  A H21    1 
ATOM   61  H H22    . DG  A 1 2  ? 5.273   10.598  3.280   1.00 0.43 ? 2  DG  A H22    1 
ATOM   62  P P      . DG  A 1 3  ? 6.742   9.061   10.707  1.00 0.23 ? 3  DG  A P      1 
ATOM   63  O OP1    . DG  A 1 3  ? 7.132   10.259  11.484  1.00 0.31 ? 3  DG  A OP1    1 
ATOM   64  O OP2    . DG  A 1 3  ? 6.056   7.935   11.380  1.00 0.38 ? 3  DG  A OP2    1 
ATOM   65  O "O5'"  . DG  A 1 3  ? 5.832   9.533   9.463   1.00 0.30 ? 3  DG  A "O5'"  1 
ATOM   66  C "C5'"  . DG  A 1 3  ? 4.756   10.461  9.640   1.00 0.29 ? 3  DG  A "C5'"  1 
ATOM   67  C "C4'"  . DG  A 1 3  ? 3.502   10.004  8.898   1.00 0.25 ? 3  DG  A "C4'"  1 
ATOM   68  O "O4'"  . DG  A 1 3  ? 3.802   9.755   7.510   1.00 0.27 ? 3  DG  A "O4'"  1 
ATOM   69  C "C3'"  . DG  A 1 3  ? 2.954   8.719   9.501   1.00 0.27 ? 3  DG  A "C3'"  1 
ATOM   70  O "O3'"  . DG  A 1 3  ? 1.544   8.866   9.796   1.00 0.31 ? 3  DG  A "O3'"  1 
ATOM   71  C "C2'"  . DG  A 1 3  ? 3.234   7.624   8.481   1.00 0.29 ? 3  DG  A "C2'"  1 
ATOM   72  C "C1'"  . DG  A 1 3  ? 3.624   8.356   7.197   1.00 0.28 ? 3  DG  A "C1'"  1 
ATOM   73  N N9     . DG  A 1 3  ? 4.859   7.788   6.614   1.00 0.27 ? 3  DG  A N9     1 
ATOM   74  C C8     . DG  A 1 3  ? 5.936   7.241   7.232   1.00 0.27 ? 3  DG  A C8     1 
ATOM   75  N N7     . DG  A 1 3  ? 6.899   6.812   6.490   1.00 0.28 ? 3  DG  A N7     1 
ATOM   76  C C5     . DG  A 1 3  ? 6.424   7.102   5.209   1.00 0.28 ? 3  DG  A C5     1 
ATOM   77  C C6     . DG  A 1 3  ? 7.027   6.870   3.946   1.00 0.31 ? 3  DG  A C6     1 
ATOM   78  O O6     . DG  A 1 3  ? 8.115   6.358   3.707   1.00 0.32 ? 3  DG  A O6     1 
ATOM   79  N N1     . DG  A 1 3  ? 6.221   7.308   2.904   1.00 0.33 ? 3  DG  A N1     1 
ATOM   80  C C2     . DG  A 1 3  ? 4.983   7.897   3.052   1.00 0.34 ? 3  DG  A C2     1 
ATOM   81  N N2     . DG  A 1 3  ? 4.358   8.245   1.922   1.00 0.38 ? 3  DG  A N2     1 
ATOM   82  N N3     . DG  A 1 3  ? 4.404   8.119   4.239   1.00 0.32 ? 3  DG  A N3     1 
ATOM   83  C C4     . DG  A 1 3  ? 5.174   7.700   5.272   1.00 0.29 ? 3  DG  A C4     1 
ATOM   84  H "H5'"  . DG  A 1 3  ? 5.062   11.434  9.257   1.00 0.37 ? 3  DG  A "H5'"  1 
ATOM   85  H "H5''" . DG  A 1 3  ? 4.530   10.553  10.703  1.00 0.34 ? 3  DG  A "H5''" 1 
ATOM   86  H "H4'"  . DG  A 1 3  ? 2.744   10.786  8.964   1.00 0.29 ? 3  DG  A "H4'"  1 
ATOM   87  H "H3'"  . DG  A 1 3  ? 3.497   8.501   10.427  1.00 0.34 ? 3  DG  A "H3'"  1 
ATOM   88  H "H2'"  . DG  A 1 3  ? 4.057   6.993   8.819   1.00 0.34 ? 3  DG  A "H2'"  1 
ATOM   89  H "H2''" . DG  A 1 3  ? 2.347   7.017   8.315   1.00 0.34 ? 3  DG  A "H2''" 1 
ATOM   90  H "H1'"  . DG  A 1 3  ? 2.815   8.256   6.474   1.00 0.33 ? 3  DG  A "H1'"  1 
ATOM   91  H H8     . DG  A 1 3  ? 5.989   7.169   8.318   1.00 0.27 ? 3  DG  A H8     1 
ATOM   92  H H1     . DG  A 1 3  ? 6.589   7.174   1.973   1.00 0.35 ? 3  DG  A H1     1 
ATOM   93  H H21    . DG  A 1 3  ? 4.795   8.073   1.029   1.00 0.40 ? 3  DG  A H21    1 
ATOM   94  H H22    . DG  A 1 3  ? 3.446   8.676   1.964   1.00 0.40 ? 3  DG  A H22    1 
ATOM   95  P P      . DA  A 1 4  ? 0.371   8.310   8.828   1.00 0.44 ? 4  DA  A P      1 
ATOM   96  O OP1    . DA  A 1 4  ? -0.860  9.083   9.103   1.00 0.59 ? 4  DA  A OP1    1 
ATOM   97  O OP2    . DA  A 1 4  ? 0.349   6.832   8.934   1.00 0.52 ? 4  DA  A OP2    1 
ATOM   98  O "O5'"  . DA  A 1 4  ? 0.898   8.696   7.354   1.00 0.48 ? 4  DA  A "O5'"  1 
ATOM   99  C "C5'"  . DA  A 1 4  ? 0.454   9.884   6.692   1.00 0.50 ? 4  DA  A "C5'"  1 
ATOM   100 C "C4'"  . DA  A 1 4  ? -0.155  9.561   5.330   1.00 0.44 ? 4  DA  A "C4'"  1 
ATOM   101 O "O4'"  . DA  A 1 4  ? 0.800   8.868   4.502   1.00 0.38 ? 4  DA  A "O4'"  1 
ATOM   102 C "C3'"  . DA  A 1 4  ? -1.375  8.661   5.483   1.00 0.42 ? 4  DA  A "C3'"  1 
ATOM   103 O "O3'"  . DA  A 1 4  ? -2.511  9.130   4.721   1.00 0.45 ? 4  DA  A "O3'"  1 
ATOM   104 C "C2'"  . DA  A 1 4  ? -0.945  7.295   5.011   1.00 0.34 ? 4  DA  A "C2'"  1 
ATOM   105 C "C1'"  . DA  A 1 4  ? 0.342   7.524   4.229   1.00 0.30 ? 4  DA  A "C1'"  1 
ATOM   106 N N9     . DA  A 1 4  ? 1.379   6.531   4.596   1.00 0.28 ? 4  DA  A N9     1 
ATOM   107 C C8     . DA  A 1 4  ? 1.692   5.996   5.804   1.00 0.29 ? 4  DA  A C8     1 
ATOM   108 N N7     . DA  A 1 4  ? 2.680   5.166   5.853   1.00 0.29 ? 4  DA  A N7     1 
ATOM   109 C C5     . DA  A 1 4  ? 3.085   5.130   4.517   1.00 0.29 ? 4  DA  A C5     1 
ATOM   110 C C6     . DA  A 1 4  ? 4.103   4.435   3.851   1.00 0.33 ? 4  DA  A C6     1 
ATOM   111 N N6     . DA  A 1 4  ? 4.947   3.601   4.463   1.00 0.37 ? 4  DA  A N6     1 
ATOM   112 N N1     . DA  A 1 4  ? 4.219   4.634   2.528   1.00 0.34 ? 4  DA  A N1     1 
ATOM   113 C C2     . DA  A 1 4  ? 3.390   5.463   1.890   1.00 0.31 ? 4  DA  A C2     1 
ATOM   114 N N3     . DA  A 1 4  ? 2.399   6.169   2.419   1.00 0.28 ? 4  DA  A N3     1 
ATOM   115 C C4     . DA  A 1 4  ? 2.298   5.957   3.745   1.00 0.28 ? 4  DA  A C4     1 
ATOM   116 H "H5'"  . DA  A 1 4  ? 1.304   10.552  6.552   1.00 0.56 ? 4  DA  A "H5'"  1 
ATOM   117 H "H5''" . DA  A 1 4  ? -0.293  10.384  7.310   1.00 0.56 ? 4  DA  A "H5''" 1 
ATOM   118 H "H4'"  . DA  A 1 4  ? -0.447  10.490  4.839   1.00 0.49 ? 4  DA  A "H4'"  1 
ATOM   119 H "H3'"  . DA  A 1 4  ? -1.646  8.602   6.540   1.00 0.49 ? 4  DA  A "H3'"  1 
ATOM   120 H "H2'"  . DA  A 1 4  ? -0.756  6.648   5.865   1.00 0.36 ? 4  DA  A "H2'"  1 
ATOM   121 H "H2''" . DA  A 1 4  ? -1.708  6.861   4.368   1.00 0.35 ? 4  DA  A "H2''" 1 
ATOM   122 H "H1'"  . DA  A 1 4  ? 0.127   7.433   3.167   1.00 0.28 ? 4  DA  A "H1'"  1 
ATOM   123 H H8     . DA  A 1 4  ? 1.126   6.251   6.699   1.00 0.31 ? 4  DA  A H8     1 
ATOM   124 H H61    . DA  A 1 4  ? 4.870   3.445   5.459   1.00 0.36 ? 4  DA  A H61    1 
ATOM   125 H H62    . DA  A 1 4  ? 5.663   3.127   3.933   1.00 0.41 ? 4  DA  A H62    1 
ATOM   126 H H2     . DA  A 1 4  ? 3.545   5.572   0.816   1.00 0.33 ? 4  DA  A H2     1 
ATOM   127 P P      . DC  A 1 5  ? -2.379  9.906   3.301   1.00 0.44 ? 5  DC  A P      1 
ATOM   128 O OP1    . DC  A 1 5  ? -1.425  11.026  3.464   1.00 0.51 ? 5  DC  A OP1    1 
ATOM   129 O OP2    . DC  A 1 5  ? -3.748  10.182  2.810   1.00 0.48 ? 5  DC  A OP2    1 
ATOM   130 O "O5'"  . DC  A 1 5  ? -1.711  8.813   2.319   1.00 0.36 ? 5  DC  A "O5'"  1 
ATOM   131 C "C5'"  . DC  A 1 5  ? -1.649  9.061   0.903   1.00 0.35 ? 5  DC  A "C5'"  1 
ATOM   132 C "C4'"  . DC  A 1 5  ? -2.043  7.827   0.090   1.00 0.22 ? 5  DC  A "C4'"  1 
ATOM   133 O "O4'"  . DC  A 1 5  ? -1.071  6.774   0.262   1.00 0.20 ? 5  DC  A "O4'"  1 
ATOM   134 C "C3'"  . DC  A 1 5  ? -3.393  7.295   0.558   1.00 0.23 ? 5  DC  A "C3'"  1 
ATOM   135 O "O3'"  . DC  A 1 5  ? -4.422  7.512   -0.441  1.00 0.27 ? 5  DC  A "O3'"  1 
ATOM   136 C "C2'"  . DC  A 1 5  ? -3.189  5.827   0.897   1.00 0.17 ? 5  DC  A "C2'"  1 
ATOM   137 C "C1'"  . DC  A 1 5  ? -1.731  5.523   0.545   1.00 0.14 ? 5  DC  A "C1'"  1 
ATOM   138 N N1     . DC  A 1 5  ? -0.999  4.760   1.611   1.00 0.15 ? 5  DC  A N1     1 
ATOM   139 C C2     . DC  A 1 5  ? 0.087   3.997   1.182   1.00 0.16 ? 5  DC  A C2     1 
ATOM   140 O O2     . DC  A 1 5  ? 0.400   3.979   -0.010  1.00 0.18 ? 5  DC  A O2     1 
ATOM   141 N N3     . DC  A 1 5  ? 0.788   3.283   2.104   1.00 0.19 ? 5  DC  A N3     1 
ATOM   142 C C4     . DC  A 1 5  ? 0.451   3.306   3.399   1.00 0.18 ? 5  DC  A C4     1 
ATOM   143 N N4     . DC  A 1 5  ? 1.159   2.588   4.274   1.00 0.22 ? 5  DC  A N4     1 
ATOM   144 C C5     . DC  A 1 5  ? -0.659  4.082   3.855   1.00 0.18 ? 5  DC  A C5     1 
ATOM   145 C C6     . DC  A 1 5  ? -1.355  4.790   2.944   1.00 0.16 ? 5  DC  A C6     1 
ATOM   146 H "H5'"  . DC  A 1 5  ? -0.634  9.352   0.637   1.00 0.41 ? 5  DC  A "H5'"  1 
ATOM   147 H "H5''" . DC  A 1 5  ? -2.329  9.877   0.656   1.00 0.44 ? 5  DC  A "H5''" 1 
ATOM   148 H "H4'"  . DC  A 1 5  ? -2.104  8.101   -0.979  1.00 0.22 ? 5  DC  A "H4'"  1 
ATOM   149 H "H3'"  . DC  A 1 5  ? -3.672  7.820   1.475   1.00 0.31 ? 5  DC  A "H3'"  1 
ATOM   150 H "H2'"  . DC  A 1 5  ? -3.367  5.668   1.953   1.00 0.20 ? 5  DC  A "H2'"  1 
ATOM   151 H "H2''" . DC  A 1 5  ? -3.857  5.203   0.307   1.00 0.18 ? 5  DC  A "H2''" 1 
ATOM   152 H "H1'"  . DC  A 1 5  ? -1.722  4.921   -0.361  1.00 0.14 ? 5  DC  A "H1'"  1 
ATOM   153 H H41    . DC  A 1 5  ? 1.944   2.037   3.959   1.00 0.25 ? 5  DC  A H41    1 
ATOM   154 H H42    . DC  A 1 5  ? 0.909   2.597   5.252   1.00 0.22 ? 5  DC  A H42    1 
ATOM   155 H H5     . DC  A 1 5  ? -0.933  4.102   4.909   1.00 0.20 ? 5  DC  A H5     1 
ATOM   156 H H6     . DC  A 1 5  ? -2.203  5.385   3.280   1.00 0.19 ? 5  DC  A H6     1 
HETATM 157 P P      . 2BU A 1 6  ? -4.644  6.568   -1.741  1.00 0.23 ? 6  2BU A P      1 
HETATM 158 O OP1    . 2BU A 1 6  ? -5.887  7.011   -2.411  1.00 0.35 ? 6  2BU A OP1    1 
HETATM 159 O OP2    . 2BU A 1 6  ? -4.508  5.151   -1.329  1.00 0.25 ? 6  2BU A OP2    1 
HETATM 160 O "O5'"  . 2BU A 1 6  ? -3.403  6.944   -2.706  1.00 0.16 ? 6  2BU A "O5'"  1 
HETATM 161 C "C5'"  . 2BU A 1 6  ? -2.276  6.067   -2.817  1.00 0.12 ? 6  2BU A "C5'"  1 
HETATM 162 C "C4'"  . 2BU A 1 6  ? -2.278  5.248   -4.110  1.00 0.18 ? 6  2BU A "C4'"  1 
HETATM 163 O "O4'"  . 2BU A 1 6  ? -1.495  4.056   -3.925  1.00 0.19 ? 6  2BU A "O4'"  1 
HETATM 164 C "C1'"  . 2BU A 1 6  ? -2.372  2.935   -3.662  1.00 0.22 ? 6  2BU A "C1'"  1 
HETATM 165 N N9     . 2BU A 1 6  ? -2.203  2.452   -2.262  1.00 0.18 ? 6  2BU A N9     1 
HETATM 166 C C4     . 2BU A 1 6  ? -1.189  1.633   -1.796  1.00 0.15 ? 6  2BU A C4     1 
HETATM 167 N N3     . 2BU A 1 6  ? -0.156  1.143   -2.508  1.00 0.18 ? 6  2BU A N3     1 
HETATM 168 C C2     . 2BU A 1 6  ? 0.637   0.383   -1.752  1.00 0.19 ? 6  2BU A C2     1 
HETATM 169 N N1     . 2BU A 1 6  ? 0.486   0.098   -0.455  1.00 0.16 ? 6  2BU A N1     1 
HETATM 170 C C6     . 2BU A 1 6  ? -0.559  0.599   0.232   1.00 0.13 ? 6  2BU A C6     1 
HETATM 171 N N6     . 2BU A 1 6  ? -0.913  -0.005  1.360   1.00 0.13 ? 6  2BU A N6     1 
HETATM 172 C CB1    . 2BU A 1 6  ? -2.028  0.501   2.206   1.00 0.15 ? 6  2BU A CB1    1 
HETATM 173 C CB2    . 2BU A 1 6  ? -1.774  0.024   3.656   1.00 0.19 ? 6  2BU A CB2    1 
HETATM 174 O OH2    . 2BU A 1 6  ? -1.822  -1.065  3.676   1.00 0.20 ? 6  2BU A OH2    1 
HETATM 175 C CB3    . 2BU A 1 6  ? -2.823  0.607   4.623   1.00 0.25 ? 6  2BU A CB3    1 
HETATM 176 O OH3    . 2BU A 1 6  ? -2.646  1.688   4.709   1.00 0.26 ? 6  2BU A OH3    1 
HETATM 177 C CB4    . 2BU A 1 6  ? -4.261  0.354   4.097   1.00 0.29 ? 6  2BU A CB4    1 
HETATM 178 O OH4    . 2BU A 1 6  ? -4.612  1.041   5.307   1.00 0.34 ? 6  2BU A OH4    1 
HETATM 179 C C5     . 2BU A 1 6  ? -1.449  1.412   -0.465  1.00 0.13 ? 6  2BU A C5     1 
HETATM 180 N N7     . 2BU A 1 6  ? -2.601  2.079   -0.062  1.00 0.17 ? 6  2BU A N7     1 
HETATM 181 C C8     . 2BU A 1 6  ? -2.969  2.652   -1.146  1.00 0.19 ? 6  2BU A C8     1 
HETATM 182 C "C2'"  . 2BU A 1 6  ? -3.807  3.381   -3.957  1.00 0.26 ? 6  2BU A "C2'"  1 
HETATM 183 C "C3'"  . 2BU A 1 6  ? -3.679  4.799   -4.496  1.00 0.25 ? 6  2BU A "C3'"  1 
HETATM 184 O "O3'"  . 2BU A 1 6  ? -3.831  4.873   -5.934  1.00 0.35 ? 6  2BU A "O3'"  1 
HETATM 185 H "H5'"  . 2BU A 1 6  ? -2.290  5.381   -1.977  1.00 0.14 ? 6  2BU A "H5'"  1 
HETATM 186 H "H5''" . 2BU A 1 6  ? -1.359  6.658   -2.775  1.00 0.14 ? 6  2BU A "H5''" 1 
HETATM 187 H "H4'"  . 2BU A 1 6  ? -1.847  5.836   -4.917  1.00 0.22 ? 6  2BU A "H4'"  1 
HETATM 188 H "H1'"  . 2BU A 1 6  ? -2.117  2.122   -4.346  1.00 0.26 ? 6  2BU A "H1'"  1 
HETATM 189 H H2     . 2BU A 1 6  ? 1.503   -0.056  -2.246  1.00 0.24 ? 6  2BU A H2     1 
HETATM 190 H H6     . 2BU A 1 6  ? -0.252  -0.589  1.851   1.00 0.15 ? 6  2BU A H6     1 
HETATM 191 H HB12   . 2BU A 1 6  ? -2.947  0.044   1.872   1.00 0.17 ? 6  2BU A HB12   1 
HETATM 192 H HB11   . 2BU A 1 6  ? -2.094  1.622   2.119   1.00 0.15 ? 6  2BU A HB11   1 
HETATM 193 H HB2    . 2BU A 1 6  ? -0.788  0.315   3.978   1.00 0.21 ? 6  2BU A HB2    1 
HETATM 194 H HO2    . 2BU A 1 6  ? -0.978  -1.428  3.365   1.00 0.19 ? 6  2BU A HO2    1 
HETATM 195 H HB3    . 2BU A 1 6  ? -2.709  0.133   5.598   1.00 0.27 ? 6  2BU A HB3    1 
HETATM 196 H HO3    . 2BU A 1 6  ? -2.570  1.932   5.635   1.00 0.25 ? 6  2BU A HO3    1 
HETATM 197 H HB41   . 2BU A 1 6  ? -3.857  -0.636  3.929   1.00 0.25 ? 6  2BU A HB41   1 
HETATM 198 H HB42   . 2BU A 1 6  ? -5.074  -0.263  4.463   1.00 0.32 ? 6  2BU A HB42   1 
HETATM 199 H HO4    . 2BU A 1 6  ? -5.174  1.791   5.097   1.00 0.35 ? 6  2BU A HO4    1 
HETATM 200 H H8     . 2BU A 1 6  ? -3.852  3.276   -1.156  1.00 0.24 ? 6  2BU A H8     1 
HETATM 201 H "H2'"  . 2BU A 1 6  ? -4.404  3.380   -3.052  1.00 0.26 ? 6  2BU A "H2'"  1 
HETATM 202 H "H2''" . 2BU A 1 6  ? -4.255  2.722   -4.697  1.00 0.31 ? 6  2BU A "H2''" 1 
HETATM 203 H "H3'"  . 2BU A 1 6  ? -4.416  5.453   -4.015  1.00 0.27 ? 6  2BU A "H3'"  1 
ATOM   204 P P      . DA  A 1 7  ? -4.537  3.714   -6.816  1.00 0.34 ? 7  DA  A P      1 
ATOM   205 O OP1    . DA  A 1 7  ? -4.709  4.221   -8.196  1.00 0.39 ? 7  DA  A OP1    1 
ATOM   206 O OP2    . DA  A 1 7  ? -5.710  3.206   -6.068  1.00 0.36 ? 7  DA  A OP2    1 
ATOM   207 O "O5'"  . DA  A 1 7  ? -3.413  2.558   -6.838  1.00 0.38 ? 7  DA  A "O5'"  1 
ATOM   208 C "C5'"  . DA  A 1 7  ? -2.117  2.816   -7.389  1.00 0.39 ? 7  DA  A "C5'"  1 
ATOM   209 C "C4'"  . DA  A 1 7  ? -1.249  1.557   -7.422  1.00 0.32 ? 7  DA  A "C4'"  1 
ATOM   210 O "O4'"  . DA  A 1 7  ? -1.071  1.020   -6.096  1.00 0.31 ? 7  DA  A "O4'"  1 
ATOM   211 C "C3'"  . DA  A 1 7  ? -1.886  0.474   -8.278  1.00 0.32 ? 7  DA  A "C3'"  1 
ATOM   212 O "O3'"  . DA  A 1 7  ? -0.901  -0.101  -9.157  1.00 0.34 ? 7  DA  A "O3'"  1 
ATOM   213 C "C2'"  . DA  A 1 7  ? -2.429  -0.548  -7.303  1.00 0.30 ? 7  DA  A "C2'"  1 
ATOM   214 C "C1'"  . DA  A 1 7  ? -1.713  -0.269  -5.987  1.00 0.29 ? 7  DA  A "C1'"  1 
ATOM   215 N N9     . DA  A 1 7  ? -2.652  -0.282  -4.844  1.00 0.27 ? 7  DA  A N9     1 
ATOM   216 C C8     . DA  A 1 7  ? -3.864  0.309   -4.711  1.00 0.29 ? 7  DA  A C8     1 
ATOM   217 N N7     . DA  A 1 7  ? -4.472  0.181   -3.582  1.00 0.28 ? 7  DA  A N7     1 
ATOM   218 C C5     . DA  A 1 7  ? -3.561  -0.590  -2.858  1.00 0.26 ? 7  DA  A C5     1 
ATOM   219 C C6     . DA  A 1 7  ? -3.580  -1.094  -1.555  1.00 0.27 ? 7  DA  A C6     1 
ATOM   220 N N6     . DA  A 1 7  ? -4.594  -0.890  -0.715  1.00 0.30 ? 7  DA  A N6     1 
ATOM   221 N N1     . DA  A 1 7  ? -2.518  -1.816  -1.155  1.00 0.28 ? 7  DA  A N1     1 
ATOM   222 C C2     . DA  A 1 7  ? -1.495  -2.029  -1.987  1.00 0.26 ? 7  DA  A C2     1 
ATOM   223 N N3     . DA  A 1 7  ? -1.375  -1.599  -3.239  1.00 0.25 ? 7  DA  A N3     1 
ATOM   224 C C4     . DA  A 1 7  ? -2.450  -0.878  -3.617  1.00 0.25 ? 7  DA  A C4     1 
ATOM   225 H "H5'"  . DA  A 1 7  ? -1.619  3.572   -6.781  1.00 0.46 ? 7  DA  A "H5'"  1 
ATOM   226 H "H5''" . DA  A 1 7  ? -2.230  3.196   -8.405  1.00 0.43 ? 7  DA  A "H5''" 1 
ATOM   227 H "H4'"  . DA  A 1 7  ? -0.272  1.809   -7.835  1.00 0.33 ? 7  DA  A "H4'"  1 
ATOM   228 H "H3'"  . DA  A 1 7  ? -2.704  0.898   -8.866  1.00 0.36 ? 7  DA  A "H3'"  1 
ATOM   229 H "H2'"  . DA  A 1 7  ? -3.505  -0.417  -7.184  1.00 0.31 ? 7  DA  A "H2'"  1 
ATOM   230 H "H2''" . DA  A 1 7  ? -2.207  -1.554  -7.645  1.00 0.31 ? 7  DA  A "H2''" 1 
ATOM   231 H "H1'"  . DA  A 1 7  ? -0.955  -1.038  -5.832  1.00 0.33 ? 7  DA  A "H1'"  1 
ATOM   232 H H8     . DA  A 1 7  ? -4.298  0.889   -5.521  1.00 0.32 ? 7  DA  A H8     1 
ATOM   233 H H61    . DA  A 1 7  ? -5.394  -0.350  -1.011  1.00 0.30 ? 7  DA  A H61    1 
ATOM   234 H H62    . DA  A 1 7  ? -4.563  -1.276  0.219   1.00 0.32 ? 7  DA  A H62    1 
ATOM   235 H H2     . DA  A 1 7  ? -0.669  -2.623  -1.597  1.00 0.29 ? 7  DA  A H2     1 
ATOM   236 P P      . DG  A 1 8  ? -1.153  -1.496  -9.932  1.00 0.34 ? 8  DG  A P      1 
ATOM   237 O OP1    . DG  A 1 8  ? -0.235  -1.552  -11.093 1.00 0.39 ? 8  DG  A OP1    1 
ATOM   238 O OP2    . DG  A 1 8  ? -2.610  -1.664  -10.136 1.00 0.38 ? 8  DG  A OP2    1 
ATOM   239 O "O5'"  . DG  A 1 8  ? -0.665  -2.589  -8.851  1.00 0.29 ? 8  DG  A "O5'"  1 
ATOM   240 C "C5'"  . DG  A 1 8  ? 0.669   -2.548  -8.330  1.00 0.32 ? 8  DG  A "C5'"  1 
ATOM   241 C "C4'"  . DG  A 1 8  ? 0.992   -3.768  -7.471  1.00 0.29 ? 8  DG  A "C4'"  1 
ATOM   242 O "O4'"  . DG  A 1 8  ? 0.268   -3.721  -6.222  1.00 0.28 ? 8  DG  A "O4'"  1 
ATOM   243 C "C3'"  . DG  A 1 8  ? 0.588   -5.045  -8.184  1.00 0.27 ? 8  DG  A "C3'"  1 
ATOM   244 O "O3'"  . DG  A 1 8  ? 1.572   -6.071  -7.959  1.00 0.28 ? 8  DG  A "O3'"  1 
ATOM   245 C "C2'"  . DG  A 1 8  ? -0.748  -5.394  -7.578  1.00 0.24 ? 8  DG  A "C2'"  1 
ATOM   246 C "C1'"  . DG  A 1 8  ? -0.671  -4.815  -6.169  1.00 0.24 ? 8  DG  A "C1'"  1 
ATOM   247 N N9     . DG  A 1 8  ? -1.993  -4.352  -5.696  1.00 0.23 ? 8  DG  A N9     1 
ATOM   248 C C8     . DG  A 1 8  ? -3.001  -3.755  -6.379  1.00 0.25 ? 8  DG  A C8     1 
ATOM   249 N N7     . DG  A 1 8  ? -4.063  -3.433  -5.721  1.00 0.25 ? 8  DG  A N7     1 
ATOM   250 C C5     . DG  A 1 8  ? -3.741  -3.863  -4.432  1.00 0.23 ? 8  DG  A C5     1 
ATOM   251 C C6     . DG  A 1 8  ? -4.501  -3.794  -3.235  1.00 0.24 ? 8  DG  A C6     1 
ATOM   252 O O6     . DG  A 1 8  ? -5.626  -3.327  -3.072  1.00 0.26 ? 8  DG  A O6     1 
ATOM   253 N N1     . DG  A 1 8  ? -3.810  -4.342  -2.161  1.00 0.26 ? 8  DG  A N1     1 
ATOM   254 C C2     . DG  A 1 8  ? -2.543  -4.887  -2.225  1.00 0.26 ? 8  DG  A C2     1 
ATOM   255 N N2     . DG  A 1 8  ? -2.047  -5.370  -1.085  1.00 0.30 ? 8  DG  A N2     1 
ATOM   256 N N3     . DG  A 1 8  ? -1.821  -4.952  -3.347  1.00 0.24 ? 8  DG  A N3     1 
ATOM   257 C C4     . DG  A 1 8  ? -2.473  -4.427  -4.407  1.00 0.22 ? 8  DG  A C4     1 
ATOM   258 H "H5'"  . DG  A 1 8  ? 0.775   -1.659  -7.720  1.00 0.36 ? 8  DG  A "H5'"  1 
ATOM   259 H "H5''" . DG  A 1 8  ? 1.375   -2.499  -9.160  1.00 0.35 ? 8  DG  A "H5''" 1 
ATOM   260 H "H4'"  . DG  A 1 8  ? 2.061   -3.791  -7.264  1.00 0.31 ? 8  DG  A "H4'"  1 
ATOM   261 H "H3'"  . DG  A 1 8  ? 0.475   -4.856  -9.254  1.00 0.30 ? 8  DG  A "H3'"  1 
ATOM   262 H "H2'"  . DG  A 1 8  ? -1.541  -4.898  -8.151  1.00 0.25 ? 8  DG  A "H2'"  1 
ATOM   263 H "H2''" . DG  A 1 8  ? -0.903  -6.470  -7.552  1.00 0.22 ? 8  DG  A "H2''" 1 
ATOM   264 H "H1'"  . DG  A 1 8  ? -0.290  -5.582  -5.480  1.00 0.24 ? 8  DG  A "H1'"  1 
ATOM   265 H H8     . DG  A 1 8  ? -2.918  -3.558  -7.445  1.00 0.28 ? 8  DG  A H8     1 
ATOM   266 H H1     . DG  A 1 8  ? -4.296  -4.341  -1.275  1.00 0.29 ? 8  DG  A H1     1 
ATOM   267 H H21    . DG  A 1 8  ? -2.592  -5.322  -0.237  1.00 0.33 ? 8  DG  A H21    1 
ATOM   268 H H22    . DG  A 1 8  ? -1.127  -5.787  -1.071  1.00 0.31 ? 8  DG  A H22    1 
ATOM   269 P P      . DA  A 1 9  ? 1.277   -7.634  -8.239  1.00 0.26 ? 9  DA  A P      1 
ATOM   270 O OP1    . DA  A 1 9  ? 2.464   -8.216  -8.903  1.00 0.33 ? 9  DA  A OP1    1 
ATOM   271 O OP2    . DA  A 1 9  ? -0.056  -7.762  -8.873  1.00 0.26 ? 9  DA  A OP2    1 
ATOM   272 O "O5'"  . DA  A 1 9  ? 1.187   -8.237  -6.748  1.00 0.23 ? 9  DA  A "O5'"  1 
ATOM   273 C "C5'"  . DA  A 1 9  ? 2.334   -8.218  -5.890  1.00 0.26 ? 9  DA  A "C5'"  1 
ATOM   274 C "C4'"  . DA  A 1 9  ? 2.041   -8.843  -4.527  1.00 0.23 ? 9  DA  A "C4'"  1 
ATOM   275 O "O4'"  . DA  A 1 9  ? 0.988   -8.128  -3.853  1.00 0.21 ? 9  DA  A "O4'"  1 
ATOM   276 C "C3'"  . DA  A 1 9  ? 1.599   -10.294 -4.680  1.00 0.22 ? 9  DA  A "C3'"  1 
ATOM   277 O "O3'"  . DA  A 1 9  ? 2.340   -11.179 -3.815  1.00 0.22 ? 9  DA  A "O3'"  1 
ATOM   278 C "C2'"  . DA  A 1 9  ? 0.129   -10.320 -4.344  1.00 0.19 ? 9  DA  A "C2'"  1 
ATOM   279 C "C1'"  . DA  A 1 9  ? -0.168  -8.978  -3.688  1.00 0.19 ? 9  DA  A "C1'"  1 
ATOM   280 N N9     . DA  A 1 9  ? -1.357  -8.362  -4.299  1.00 0.17 ? 9  DA  A N9     1 
ATOM   281 C C8     . DA  A 1 9  ? -1.600  -8.078  -5.597  1.00 0.17 ? 9  DA  A C8     1 
ATOM   282 N N7     . DA  A 1 9  ? -2.735  -7.535  -5.889  1.00 0.17 ? 9  DA  A N7     1 
ATOM   283 C C5     . DA  A 1 9  ? -3.331  -7.443  -4.628  1.00 0.17 ? 9  DA  A C5     1 
ATOM   284 C C6     . DA  A 1 9  ? -4.569  -6.953  -4.199  1.00 0.17 ? 9  DA  A C6     1 
ATOM   285 N N6     . DA  A 1 9  ? -5.471  -6.431  -5.029  1.00 0.18 ? 9  DA  A N6     1 
ATOM   286 N N1     . DA  A 1 9  ? -4.836  -7.015  -2.882  1.00 0.19 ? 9  DA  A N1     1 
ATOM   287 C C2     . DA  A 1 9  ? -3.942  -7.527  -2.035  1.00 0.20 ? 9  DA  A C2     1 
ATOM   288 N N3     . DA  A 1 9  ? -2.744  -8.016  -2.332  1.00 0.19 ? 9  DA  A N3     1 
ATOM   289 C C4     . DA  A 1 9  ? -2.498  -7.945  -3.655  1.00 0.17 ? 9  DA  A C4     1 
ATOM   290 H "H5'"  . DA  A 1 9  ? 2.651   -7.185  -5.745  1.00 0.30 ? 9  DA  A "H5'"  1 
ATOM   291 H "H5''" . DA  A 1 9  ? 3.140   -8.772  -6.369  1.00 0.29 ? 9  DA  A "H5''" 1 
ATOM   292 H "H4'"  . DA  A 1 9  ? 2.945   -8.803  -3.919  1.00 0.24 ? 9  DA  A "H4'"  1 
ATOM   293 H "H3'"  . DA  A 1 9  ? 1.733   -10.602 -5.719  1.00 0.24 ? 9  DA  A "H3'"  1 
ATOM   294 H "H2'"  . DA  A 1 9  ? -0.461  -10.426 -5.257  1.00 0.19 ? 9  DA  A "H2'"  1 
ATOM   295 H "H2''" . DA  A 1 9  ? -0.088  -11.137 -3.656  1.00 0.19 ? 9  DA  A "H2''" 1 
ATOM   296 H "H1'"  . DA  A 1 9  ? -0.353  -9.131  -2.625  1.00 0.19 ? 9  DA  A "H1'"  1 
ATOM   297 H H8     . DA  A 1 9  ? -0.862  -8.302  -6.367  1.00 0.19 ? 9  DA  A H8     1 
ATOM   298 H H61    . DA  A 1 9  ? -5.274  -6.376  -6.018  1.00 0.17 ? 9  DA  A H61    1 
ATOM   299 H H62    . DA  A 1 9  ? -6.352  -6.090  -4.669  1.00 0.19 ? 9  DA  A H62    1 
ATOM   300 H H2     . DA  A 1 9  ? -4.226  -7.545  -0.983  1.00 0.23 ? 9  DA  A H2     1 
ATOM   301 P P      . DA  A 1 10 ? 2.700   -10.802 -2.283  1.00 0.22 ? 10 DA  A P      1 
ATOM   302 O OP1    . DA  A 1 10 ? 3.578   -9.610  -2.291  1.00 0.24 ? 10 DA  A OP1    1 
ATOM   303 O OP2    . DA  A 1 10 ? 3.151   -12.038 -1.603  1.00 0.27 ? 10 DA  A OP2    1 
ATOM   304 O "O5'"  . DA  A 1 10 ? 1.276   -10.382 -1.656  1.00 0.22 ? 10 DA  A "O5'"  1 
ATOM   305 C "C5'"  . DA  A 1 10 ? 1.207   -9.411  -0.605  1.00 0.24 ? 10 DA  A "C5'"  1 
ATOM   306 C "C4'"  . DA  A 1 10 ? -0.023  -9.606  0.277   1.00 0.22 ? 10 DA  A "C4'"  1 
ATOM   307 O "O4'"  . DA  A 1 10 ? -1.232  -9.446  -0.484  1.00 0.20 ? 10 DA  A "O4'"  1 
ATOM   308 C "C3'"  . DA  A 1 10 ? -0.037  -10.993 0.900   1.00 0.22 ? 10 DA  A "C3'"  1 
ATOM   309 O "O3'"  . DA  A 1 10 ? 0.144   -10.899 2.321   1.00 0.25 ? 10 DA  A "O3'"  1 
ATOM   310 C "C2'"  . DA  A 1 10 ? -1.378  -11.603 0.542   1.00 0.20 ? 10 DA  A "C2'"  1 
ATOM   311 C "C1'"  . DA  A 1 10 ? -2.157  -10.499 -0.159  1.00 0.18 ? 10 DA  A "C1'"  1 
ATOM   312 N N9     . DA  A 1 10 ? -2.828  -10.997 -1.379  1.00 0.18 ? 10 DA  A N9     1 
ATOM   313 C C8     . DA  A 1 10 ? -2.335  -11.733 -2.407  1.00 0.17 ? 10 DA  A C8     1 
ATOM   314 N N7     . DA  A 1 10 ? -3.129  -11.995 -3.390  1.00 0.17 ? 10 DA  A N7     1 
ATOM   315 C C5     . DA  A 1 10 ? -4.305  -11.363 -2.977  1.00 0.18 ? 10 DA  A C5     1 
ATOM   316 C C6     . DA  A 1 10 ? -5.572  -11.242 -3.560  1.00 0.19 ? 10 DA  A C6     1 
ATOM   317 N N6     . DA  A 1 10 ? -5.885  -11.772 -4.744  1.00 0.19 ? 10 DA  A N6     1 
ATOM   318 N N1     . DA  A 1 10 ? -6.502  -10.551 -2.880  1.00 0.21 ? 10 DA  A N1     1 
ATOM   319 C C2     . DA  A 1 10 ? -6.210  -10.009 -1.697  1.00 0.22 ? 10 DA  A C2     1 
ATOM   320 N N3     . DA  A 1 10 ? -5.048  -10.060 -1.055  1.00 0.21 ? 10 DA  A N3     1 
ATOM   321 C C4     . DA  A 1 10 ? -4.131  -10.757 -1.754  1.00 0.18 ? 10 DA  A C4     1 
ATOM   322 H "H5'"  . DA  A 1 10 ? 1.166   -8.418  -1.043  1.00 0.24 ? 10 DA  A "H5'"  1 
ATOM   323 H "H5''" . DA  A 1 10 ? 2.102   -9.492  0.012   1.00 0.27 ? 10 DA  A "H5''" 1 
ATOM   324 H "H4'"  . DA  A 1 10 ? -0.007  -8.862  1.073   1.00 0.22 ? 10 DA  A "H4'"  1 
ATOM   325 H "H3'"  . DA  A 1 10 ? 0.763   -11.598 0.463   1.00 0.24 ? 10 DA  A "H3'"  1 
ATOM   326 H "H2'"  . DA  A 1 10 ? -1.237  -12.451 -0.128  1.00 0.20 ? 10 DA  A "H2'"  1 
ATOM   327 H "H2''" . DA  A 1 10 ? -1.901  -11.915 1.441   1.00 0.22 ? 10 DA  A "H2''" 1 
ATOM   328 H "H1'"  . DA  A 1 10 ? -2.912  -10.113 0.526   1.00 0.18 ? 10 DA  A "H1'"  1 
ATOM   329 H H8     . DA  A 1 10 ? -1.308  -12.095 -2.398  1.00 0.17 ? 10 DA  A H8     1 
ATOM   330 H H61    . DA  A 1 10 ? -5.192  -12.290 -5.264  1.00 0.19 ? 10 DA  A H61    1 
ATOM   331 H H62    . DA  A 1 10 ? -6.816  -11.655 -5.119  1.00 0.20 ? 10 DA  A H62    1 
ATOM   332 H H2     . DA  A 1 10 ? -7.014  -9.468  -1.201  1.00 0.25 ? 10 DA  A H2     1 
ATOM   333 P P      . DG  A 1 11 ? -0.047  -12.177 3.287   1.00 0.25 ? 11 DG  A P      1 
ATOM   334 O OP1    . DG  A 1 11 ? 0.627   -11.889 4.573   1.00 0.27 ? 11 DG  A OP1    1 
ATOM   335 O OP2    . DG  A 1 11 ? 0.306   -13.397 2.527   1.00 0.24 ? 11 DG  A OP2    1 
ATOM   336 O "O5'"  . DG  A 1 11 ? -1.636  -12.181 3.541   1.00 0.28 ? 11 DG  A "O5'"  1 
ATOM   337 C "C5'"  . DG  A 1 11 ? -2.294  -11.006 4.027   1.00 0.34 ? 11 DG  A "C5'"  1 
ATOM   338 C "C4'"  . DG  A 1 11 ? -3.813  -11.154 4.012   1.00 0.39 ? 11 DG  A "C4'"  1 
ATOM   339 O "O4'"  . DG  A 1 11 ? -4.318  -11.181 2.654   1.00 0.35 ? 11 DG  A "O4'"  1 
ATOM   340 C "C3'"  . DG  A 1 11 ? -4.231  -12.460 4.682   1.00 0.41 ? 11 DG  A "C3'"  1 
ATOM   341 O "O3'"  . DG  A 1 11 ? -5.231  -12.223 5.683   1.00 0.50 ? 11 DG  A "O3'"  1 
ATOM   342 C "C2'"  . DG  A 1 11 ? -4.781  -13.316 3.567   1.00 0.36 ? 11 DG  A "C2'"  1 
ATOM   343 C "C1'"  . DG  A 1 11 ? -5.195  -12.313 2.507   1.00 0.34 ? 11 DG  A "C1'"  1 
ATOM   344 N N9     . DG  A 1 11 ? -5.144  -12.895 1.140   1.00 0.27 ? 11 DG  A N9     1 
ATOM   345 C C8     . DG  A 1 11 ? -4.148  -13.567 0.489   1.00 0.22 ? 11 DG  A C8     1 
ATOM   346 N N7     . DG  A 1 11 ? -4.393  -13.989 -0.703  1.00 0.19 ? 11 DG  A N7     1 
ATOM   347 C C5     . DG  A 1 11 ? -5.706  -13.558 -0.898  1.00 0.22 ? 11 DG  A C5     1 
ATOM   348 C C6     . DG  A 1 11 ? -6.552  -13.719 -2.025  1.00 0.22 ? 11 DG  A C6     1 
ATOM   349 O O6     . DG  A 1 11 ? -6.301  -14.271 -3.093  1.00 0.21 ? 11 DG  A O6     1 
ATOM   350 N N1     . DG  A 1 11 ? -7.798  -13.142 -1.814  1.00 0.25 ? 11 DG  A N1     1 
ATOM   351 C C2     . DG  A 1 11 ? -8.187  -12.488 -0.661  1.00 0.30 ? 11 DG  A C2     1 
ATOM   352 N N2     . DG  A 1 11 ? -9.424  -11.991 -0.652  1.00 0.34 ? 11 DG  A N2     1 
ATOM   353 N N3     . DG  A 1 11 ? -7.395  -12.333 0.405   1.00 0.31 ? 11 DG  A N3     1 
ATOM   354 C C4     . DG  A 1 11 ? -6.174  -12.889 0.222   1.00 0.27 ? 11 DG  A C4     1 
ATOM   355 H "H5'"  . DG  A 1 11 ? -2.021  -10.166 3.395   1.00 0.34 ? 11 DG  A "H5'"  1 
ATOM   356 H "H5''" . DG  A 1 11 ? -1.962  -10.805 5.052   1.00 0.38 ? 11 DG  A "H5''" 1 
ATOM   357 H "H4'"  . DG  A 1 11 ? -4.262  -10.312 4.549   1.00 0.46 ? 11 DG  A "H4'"  1 
ATOM   358 H "H3'"  . DG  A 1 11 ? -3.360  -12.947 5.126   1.00 0.40 ? 11 DG  A "H3'"  1 
ATOM   359 H "H2'"  . DG  A 1 11 ? -3.999  -13.968 3.183   1.00 0.32 ? 11 DG  A "H2'"  1 
ATOM   360 H "H2''" . DG  A 1 11 ? -5.639  -13.898 3.907   1.00 0.40 ? 11 DG  A "H2''" 1 
ATOM   361 H "H1'"  . DG  A 1 11 ? -6.216  -11.991 2.714   1.00 0.40 ? 11 DG  A "H1'"  1 
ATOM   362 H H8     . DG  A 1 11 ? -3.185  -13.758 0.956   1.00 0.21 ? 11 DG  A H8     1 
ATOM   363 H H1     . DG  A 1 11 ? -8.458  -13.221 -2.574  1.00 0.26 ? 11 DG  A H1     1 
ATOM   364 H H21    . DG  A 1 11 ? -10.023 -12.114 -1.456  1.00 0.34 ? 11 DG  A H21    1 
ATOM   365 H H22    . DG  A 1 11 ? -9.764  -11.494 0.158   1.00 0.39 ? 11 DG  A H22    1 
ATOM   366 O "O5'"  . DC  B 2 1  ? -14.196 -15.634 -6.545  1.00 0.29 ? 12 DC  B "O5'"  1 
ATOM   367 C "C5'"  . DC  B 2 1  ? -15.299 -15.758 -5.641  1.00 0.30 ? 12 DC  B "C5'"  1 
ATOM   368 C "C4'"  . DC  B 2 1  ? -15.359 -14.530 -4.726  1.00 0.29 ? 12 DC  B "C4'"  1 
ATOM   369 O "O4'"  . DC  B 2 1  ? -14.145 -14.416 -3.955  1.00 0.30 ? 12 DC  B "O4'"  1 
ATOM   370 C "C3'"  . DC  B 2 1  ? -15.514 -13.240 -5.521  1.00 0.28 ? 12 DC  B "C3'"  1 
ATOM   371 O "O3'"  . DC  B 2 1  ? -16.461 -12.375 -4.865  1.00 0.32 ? 12 DC  B "O3'"  1 
ATOM   372 C "C2'"  . DC  B 2 1  ? -14.126 -12.637 -5.563  1.00 0.27 ? 12 DC  B "C2'"  1 
ATOM   373 C "C1'"  . DC  B 2 1  ? -13.408 -13.240 -4.361  1.00 0.27 ? 12 DC  B "C1'"  1 
ATOM   374 N N1     . DC  B 2 1  ? -11.996 -13.587 -4.666  1.00 0.26 ? 12 DC  B N1     1 
ATOM   375 C C2     . DC  B 2 1  ? -11.030 -13.189 -3.748  1.00 0.28 ? 12 DC  B C2     1 
ATOM   376 O O2     . DC  B 2 1  ? -11.354 -12.569 -2.735  1.00 0.31 ? 12 DC  B O2     1 
ATOM   377 N N3     . DC  B 2 1  ? -9.730  -13.506 -3.998  1.00 0.28 ? 12 DC  B N3     1 
ATOM   378 C C4     . DC  B 2 1  ? -9.384  -14.184 -5.099  1.00 0.28 ? 12 DC  B C4     1 
ATOM   379 N N4     . DC  B 2 1  ? -8.100  -14.477 -5.309  1.00 0.31 ? 12 DC  B N4     1 
ATOM   380 C C5     . DC  B 2 1  ? -10.368 -14.596 -6.048  1.00 0.28 ? 12 DC  B C5     1 
ATOM   381 C C6     . DC  B 2 1  ? -11.653 -14.282 -5.798  1.00 0.27 ? 12 DC  B C6     1 
ATOM   382 H "H5'"  . DC  B 2 1  ? -15.167 -16.661 -5.033  1.00 0.34 ? 12 DC  B "H5'"  1 
ATOM   383 H "H5''" . DC  B 2 1  ? -16.227 -15.836 -6.208  1.00 0.31 ? 12 DC  B "H5''" 1 
ATOM   384 H "H4'"  . DC  B 2 1  ? -16.205 -14.631 -4.046  1.00 0.33 ? 12 DC  B "H4'"  1 
ATOM   385 H "H3'"  . DC  B 2 1  ? -15.856 -13.459 -6.536  1.00 0.28 ? 12 DC  B "H3'"  1 
ATOM   386 H "H2'"  . DC  B 2 1  ? -13.623 -12.921 -6.487  1.00 0.27 ? 12 DC  B "H2'"  1 
ATOM   387 H "H2''" . DC  B 2 1  ? -14.168 -11.553 -5.475  1.00 0.28 ? 12 DC  B "H2''" 1 
ATOM   388 H "H1'"  . DC  B 2 1  ? -13.423 -12.510 -3.549  1.00 0.28 ? 12 DC  B "H1'"  1 
ATOM   389 H H41    . DC  B 2 1  ? -7.400  -14.189 -4.641  1.00 0.32 ? 12 DC  B H41    1 
ATOM   390 H H42    . DC  B 2 1  ? -7.828  -14.990 -6.135  1.00 0.33 ? 12 DC  B H42    1 
ATOM   391 H H5     . DC  B 2 1  ? -10.089 -15.147 -6.946  1.00 0.31 ? 12 DC  B H5     1 
ATOM   392 H H6     . DC  B 2 1  ? -12.425 -14.590 -6.501  1.00 0.27 ? 12 DC  B H6     1 
ATOM   393 H "HO5'" . DC  B 2 1  ? -14.455 -15.015 -7.233  1.00 0.31 ? 12 DC  B "HO5'" 1 
ATOM   394 P P      . DT  B 2 2  ? -16.478 -10.779 -5.100  1.00 0.34 ? 13 DT  B P      1 
ATOM   395 O OP1    . DT  B 2 2  ? -17.817 -10.270 -4.728  1.00 0.42 ? 13 DT  B OP1    1 
ATOM   396 O OP2    . DT  B 2 2  ? -15.931 -10.496 -6.447  1.00 0.36 ? 13 DT  B OP2    1 
ATOM   397 O "O5'"  . DT  B 2 2  ? -15.415 -10.261 -4.004  1.00 0.30 ? 13 DT  B "O5'"  1 
ATOM   398 C "C5'"  . DT  B 2 2  ? -15.714 -10.345 -2.605  1.00 0.28 ? 13 DT  B "C5'"  1 
ATOM   399 C "C4'"  . DT  B 2 2  ? -14.688 -9.591  -1.761  1.00 0.22 ? 13 DT  B "C4'"  1 
ATOM   400 O "O4'"  . DT  B 2 2  ? -13.389 -10.214 -1.852  1.00 0.20 ? 13 DT  B "O4'"  1 
ATOM   401 C "C3'"  . DT  B 2 2  ? -14.547 -8.148  -2.244  1.00 0.22 ? 13 DT  B "C3'"  1 
ATOM   402 O "O3'"  . DT  B 2 2  ? -14.850 -7.176  -1.216  1.00 0.24 ? 13 DT  B "O3'"  1 
ATOM   403 C "C2'"  . DT  B 2 2  ? -13.120 -8.003  -2.710  1.00 0.21 ? 13 DT  B "C2'"  1 
ATOM   404 C "C1'"  . DT  B 2 2  ? -12.394 -9.217  -2.160  1.00 0.19 ? 13 DT  B "C1'"  1 
ATOM   405 N N1     . DT  B 2 2  ? -11.411 -9.721  -3.142  1.00 0.21 ? 13 DT  B N1     1 
ATOM   406 C C2     . DT  B 2 2  ? -10.096 -9.856  -2.729  1.00 0.21 ? 13 DT  B C2     1 
ATOM   407 O O2     . DT  B 2 2  ? -9.731  -9.581  -1.590  1.00 0.21 ? 13 DT  B O2     1 
ATOM   408 N N3     . DT  B 2 2  ? -9.206  -10.314 -3.679  1.00 0.24 ? 13 DT  B N3     1 
ATOM   409 C C4     . DT  B 2 2  ? -9.505  -10.645 -4.986  1.00 0.26 ? 13 DT  B C4     1 
ATOM   410 O O4     . DT  B 2 2  ? -8.625  -11.054 -5.741  1.00 0.30 ? 13 DT  B O4     1 
ATOM   411 C C5     . DT  B 2 2  ? -10.901 -10.472 -5.331  1.00 0.25 ? 13 DT  B C5     1 
ATOM   412 C C7     . DT  B 2 2  ? -11.367 -10.786 -6.751  1.00 0.27 ? 13 DT  B C7     1 
ATOM   413 C C6     . DT  B 2 2  ? -11.792 -10.026 -4.419  1.00 0.22 ? 13 DT  B C6     1 
ATOM   414 H "H5'"  . DT  B 2 2  ? -15.721 -11.393 -2.304  1.00 0.31 ? 13 DT  B "H5'"  1 
ATOM   415 H "H5''" . DT  B 2 2  ? -16.701 -9.918  -2.427  1.00 0.33 ? 13 DT  B "H5''" 1 
ATOM   416 H "H4'"  . DT  B 2 2  ? -15.013 -9.597  -0.723  1.00 0.23 ? 13 DT  B "H4'"  1 
ATOM   417 H "H3'"  . DT  B 2 2  ? -15.213 -7.992  -3.097  1.00 0.24 ? 13 DT  B "H3'"  1 
ATOM   418 H "H2'"  . DT  B 2 2  ? -13.084 -8.016  -3.803  1.00 0.21 ? 13 DT  B "H2'"  1 
ATOM   419 H "H2''" . DT  B 2 2  ? -12.681 -7.085  -2.322  1.00 0.24 ? 13 DT  B "H2''" 1 
ATOM   420 H "H1'"  . DT  B 2 2  ? -11.873 -8.937  -1.245  1.00 0.19 ? 13 DT  B "H1'"  1 
ATOM   421 H H3     . DT  B 2 2  ? -8.244  -10.413 -3.391  1.00 0.26 ? 13 DT  B H3     1 
ATOM   422 H H71    . DT  B 2 2  ? -10.509 -11.057 -7.364  1.00 0.31 ? 13 DT  B H71    1 
ATOM   423 H H72    . DT  B 2 2  ? -11.855 -9.908  -7.176  1.00 0.27 ? 13 DT  B H72    1 
ATOM   424 H H73    . DT  B 2 2  ? -12.072 -11.615 -6.727  1.00 0.26 ? 13 DT  B H73    1 
ATOM   425 H H6     . DT  B 2 2  ? -12.838 -9.903  -4.701  1.00 0.22 ? 13 DT  B H6     1 
ATOM   426 P P      . DT  B 2 3  ? -14.566 -7.428  0.359   1.00 0.23 ? 14 DT  B P      1 
ATOM   427 O OP1    . DT  B 2 3  ? -15.446 -8.527  0.816   1.00 0.26 ? 14 DT  B OP1    1 
ATOM   428 O OP2    . DT  B 2 3  ? -14.617 -6.118  1.046   1.00 0.30 ? 14 DT  B OP2    1 
ATOM   429 O "O5'"  . DT  B 2 3  ? -13.040 -7.947  0.395   1.00 0.18 ? 14 DT  B "O5'"  1 
ATOM   430 C "C5'"  . DT  B 2 3  ? -12.680 -9.073  1.207   1.00 0.17 ? 14 DT  B "C5'"  1 
ATOM   431 C "C4'"  . DT  B 2 3  ? -11.318 -8.896  1.877   1.00 0.15 ? 14 DT  B "C4'"  1 
ATOM   432 O "O4'"  . DT  B 2 3  ? -10.260 -8.902  0.899   1.00 0.17 ? 14 DT  B "O4'"  1 
ATOM   433 C "C3'"  . DT  B 2 3  ? -11.240 -7.581  2.644   1.00 0.12 ? 14 DT  B "C3'"  1 
ATOM   434 O "O3'"  . DT  B 2 3  ? -10.822 -7.832  4.003   1.00 0.15 ? 14 DT  B "O3'"  1 
ATOM   435 C "C2'"  . DT  B 2 3  ? -10.244 -6.730  1.881   1.00 0.13 ? 14 DT  B "C2'"  1 
ATOM   436 C "C1'"  . DT  B 2 3  ? -9.452  -7.721  1.046   1.00 0.16 ? 14 DT  B "C1'"  1 
ATOM   437 N N1     . DT  B 2 3  ? -9.102  -7.150  -0.272  1.00 0.18 ? 14 DT  B N1     1 
ATOM   438 C C2     . DT  B 2 3  ? -7.768  -7.168  -0.643  1.00 0.22 ? 14 DT  B C2     1 
ATOM   439 O O2     . DT  B 2 3  ? -6.889  -7.634  0.080   1.00 0.24 ? 14 DT  B O2     1 
ATOM   440 N N3     . DT  B 2 3  ? -7.474  -6.627  -1.878  1.00 0.25 ? 14 DT  B N3     1 
ATOM   441 C C4     . DT  B 2 3  ? -8.380  -6.076  -2.764  1.00 0.25 ? 14 DT  B C4     1 
ATOM   442 O O4     . DT  B 2 3  ? -8.002  -5.624  -3.841  1.00 0.29 ? 14 DT  B O4     1 
ATOM   443 C C5     . DT  B 2 3  ? -9.748  -6.098  -2.297  1.00 0.20 ? 14 DT  B C5     1 
ATOM   444 C C7     . DT  B 2 3  ? -10.848 -5.513  -3.179  1.00 0.20 ? 14 DT  B C7     1 
ATOM   445 C C6     . DT  B 2 3  ? -10.064 -6.624  -1.093  1.00 0.16 ? 14 DT  B C6     1 
ATOM   446 H "H5'"  . DT  B 2 3  ? -12.650 -9.960  0.579   1.00 0.19 ? 14 DT  B "H5'"  1 
ATOM   447 H "H5''" . DT  B 2 3  ? -13.439 -9.210  1.978   1.00 0.19 ? 14 DT  B "H5''" 1 
ATOM   448 H "H4'"  . DT  B 2 3  ? -11.158 -9.720  2.573   1.00 0.18 ? 14 DT  B "H4'"  1 
ATOM   449 H "H3'"  . DT  B 2 3  ? -12.218 -7.093  2.640   1.00 0.11 ? 14 DT  B "H3'"  1 
ATOM   450 H "H2'"  . DT  B 2 3  ? -10.775 -6.032  1.230   1.00 0.13 ? 14 DT  B "H2'"  1 
ATOM   451 H "H2''" . DT  B 2 3  ? -9.587  -6.191  2.558   1.00 0.16 ? 14 DT  B "H2''" 1 
ATOM   452 H "H1'"  . DT  B 2 3  ? -8.536  -7.979  1.579   1.00 0.19 ? 14 DT  B "H1'"  1 
ATOM   453 H H3     . DT  B 2 3  ? -6.507  -6.646  -2.167  1.00 0.29 ? 14 DT  B H3     1 
ATOM   454 H H71    . DT  B 2 3  ? -11.518 -4.905  -2.571  1.00 0.17 ? 14 DT  B H71    1 
ATOM   455 H H72    . DT  B 2 3  ? -11.410 -6.322  -3.644  1.00 0.23 ? 14 DT  B H72    1 
ATOM   456 H H73    . DT  B 2 3  ? -10.399 -4.892  -3.955  1.00 0.27 ? 14 DT  B H73    1 
ATOM   457 H H6     . DT  B 2 3  ? -11.107 -6.639  -0.768  1.00 0.14 ? 14 DT  B H6     1 
ATOM   458 P P      . DC  B 2 4  ? -9.998  -6.753  4.883   1.00 0.18 ? 15 DC  B P      1 
ATOM   459 O OP1    . DC  B 2 4  ? -10.191 -7.081  6.314   1.00 0.30 ? 15 DC  B OP1    1 
ATOM   460 O OP2    . DC  B 2 4  ? -10.324 -5.395  4.391   1.00 0.19 ? 15 DC  B OP2    1 
ATOM   461 O "O5'"  . DC  B 2 4  ? -8.468  -7.079  4.492   1.00 0.23 ? 15 DC  B "O5'"  1 
ATOM   462 C "C5'"  . DC  B 2 4  ? -7.946  -8.405  4.652   1.00 0.25 ? 15 DC  B "C5'"  1 
ATOM   463 C "C4'"  . DC  B 2 4  ? -6.416  -8.440  4.577   1.00 0.22 ? 15 DC  B "C4'"  1 
ATOM   464 O "O4'"  . DC  B 2 4  ? -5.957  -8.090  3.253   1.00 0.23 ? 15 DC  B "O4'"  1 
ATOM   465 C "C3'"  . DC  B 2 4  ? -5.801  -7.448  5.550   1.00 0.21 ? 15 DC  B "C3'"  1 
ATOM   466 O "O3'"  . DC  B 2 4  ? -4.654  -8.031  6.198   1.00 0.21 ? 15 DC  B "O3'"  1 
ATOM   467 C "C2'"  . DC  B 2 4  ? -5.419  -6.263  4.695   1.00 0.21 ? 15 DC  B "C2'"  1 
ATOM   468 C "C1'"  . DC  B 2 4  ? -5.237  -6.838  3.300   1.00 0.21 ? 15 DC  B "C1'"  1 
ATOM   469 N N1     . DC  B 2 4  ? -5.751  -5.900  2.281   1.00 0.22 ? 15 DC  B N1     1 
ATOM   470 C C2     . DC  B 2 4  ? -4.915  -5.553  1.225   1.00 0.24 ? 15 DC  B C2     1 
ATOM   471 O O2     . DC  B 2 4  ? -3.772  -6.007  1.160   1.00 0.27 ? 15 DC  B O2     1 
ATOM   472 N N3     . DC  B 2 4  ? -5.394  -4.697  0.280   1.00 0.26 ? 15 DC  B N3     1 
ATOM   473 C C4     . DC  B 2 4  ? -6.637  -4.202  0.365   1.00 0.24 ? 15 DC  B C4     1 
ATOM   474 N N4     . DC  B 2 4  ? -7.080  -3.373  -0.583  1.00 0.27 ? 15 DC  B N4     1 
ATOM   475 C C5     . DC  B 2 4  ? -7.498  -4.557  1.452   1.00 0.24 ? 15 DC  B C5     1 
ATOM   476 C C6     . DC  B 2 4  ? -7.014  -5.403  2.382   1.00 0.22 ? 15 DC  B C6     1 
ATOM   477 H "H5'"  . DC  B 2 4  ? -8.351  -9.039  3.866   1.00 0.28 ? 15 DC  B "H5'"  1 
ATOM   478 H "H5''" . DC  B 2 4  ? -8.260  -8.795  5.621   1.00 0.29 ? 15 DC  B "H5''" 1 
ATOM   479 H "H4'"  . DC  B 2 4  ? -6.070  -9.443  4.820   1.00 0.24 ? 15 DC  B "H4'"  1 
ATOM   480 H "H3'"  . DC  B 2 4  ? -6.543  -7.150  6.296   1.00 0.23 ? 15 DC  B "H3'"  1 
ATOM   481 H "H2'"  . DC  B 2 4  ? -6.232  -5.531  4.687   1.00 0.22 ? 15 DC  B "H2'"  1 
ATOM   482 H "H2''" . DC  B 2 4  ? -4.496  -5.807  5.047   1.00 0.23 ? 15 DC  B "H2''" 1 
ATOM   483 H "H1'"  . DC  B 2 4  ? -4.176  -7.019  3.122   1.00 0.23 ? 15 DC  B "H1'"  1 
ATOM   484 H H41    . DC  B 2 4  ? -6.479  -3.122  -1.356  1.00 0.29 ? 15 DC  B H41    1 
ATOM   485 H H42    . DC  B 2 4  ? -8.016  -2.999  -0.530  1.00 0.27 ? 15 DC  B H42    1 
ATOM   486 H H5     . DC  B 2 4  ? -8.508  -4.155  1.527   1.00 0.25 ? 15 DC  B H5     1 
ATOM   487 H H6     . DC  B 2 4  ? -7.635  -5.691  3.233   1.00 0.23 ? 15 DC  B H6     1 
ATOM   488 P P      . DT  B 2 5  ? -3.542  -7.131  6.953   1.00 0.26 ? 16 DT  B P      1 
ATOM   489 O OP1    . DT  B 2 5  ? -2.968  -7.935  8.055   1.00 0.37 ? 16 DT  B OP1    1 
ATOM   490 O OP2    . DT  B 2 5  ? -4.126  -5.801  7.238   1.00 0.27 ? 16 DT  B OP2    1 
ATOM   491 O "O5'"  . DT  B 2 5  ? -2.409  -6.952  5.818   1.00 0.30 ? 16 DT  B "O5'"  1 
ATOM   492 C "C5'"  . DT  B 2 5  ? -1.757  -8.100  5.263   1.00 0.36 ? 16 DT  B "C5'"  1 
ATOM   493 C "C4'"  . DT  B 2 5  ? -0.646  -7.717  4.285   1.00 0.30 ? 16 DT  B "C4'"  1 
ATOM   494 O "O4'"  . DT  B 2 5  ? -1.179  -6.966  3.174   1.00 0.27 ? 16 DT  B "O4'"  1 
ATOM   495 C "C3'"  . DT  B 2 5  ? 0.410   -6.858  4.963   1.00 0.27 ? 16 DT  B "C3'"  1 
ATOM   496 O "O3'"  . DT  B 2 5  ? 1.733   -7.377  4.667   1.00 0.30 ? 16 DT  B "O3'"  1 
ATOM   497 C "C2'"  . DT  B 2 5  ? 0.187   -5.454  4.426   1.00 0.18 ? 16 DT  B "C2'"  1 
ATOM   498 C "C1'"  . DT  B 2 5  ? -0.557  -5.667  3.114   1.00 0.19 ? 16 DT  B "C1'"  1 
ATOM   499 N N1     . DT  B 2 5  ? -1.573  -4.617  2.873   1.00 0.19 ? 16 DT  B N1     1 
ATOM   500 C C2     . DT  B 2 5  ? -1.480  -3.898  1.692   1.00 0.21 ? 16 DT  B C2     1 
ATOM   501 O O2     . DT  B 2 5  ? -0.567  -4.069  0.885   1.00 0.23 ? 16 DT  B O2     1 
ATOM   502 N N3     . DT  B 2 5  ? -2.474  -2.964  1.471   1.00 0.24 ? 16 DT  B N3     1 
ATOM   503 C C4     . DT  B 2 5  ? -3.533  -2.685  2.313   1.00 0.25 ? 16 DT  B C4     1 
ATOM   504 O O4     . DT  B 2 5  ? -4.372  -1.844  2.002   1.00 0.29 ? 16 DT  B O4     1 
ATOM   505 C C5     . DT  B 2 5  ? -3.546  -3.475  3.523   1.00 0.23 ? 16 DT  B C5     1 
ATOM   506 C C7     . DT  B 2 5  ? -4.655  -3.251  4.548   1.00 0.28 ? 16 DT  B C7     1 
ATOM   507 C C6     . DT  B 2 5  ? -2.591  -4.398  3.763   1.00 0.21 ? 16 DT  B C6     1 
ATOM   508 H "H5'"  . DT  B 2 5  ? -2.497  -8.701  4.738   1.00 0.42 ? 16 DT  B "H5'"  1 
ATOM   509 H "H5''" . DT  B 2 5  ? -1.328  -8.690  6.072   1.00 0.43 ? 16 DT  B "H5''" 1 
ATOM   510 H "H4'"  . DT  B 2 5  ? -0.177  -8.624  3.905   1.00 0.34 ? 16 DT  B "H4'"  1 
ATOM   511 H "H3'"  . DT  B 2 5  ? 0.245   -6.864  6.044   1.00 0.31 ? 16 DT  B "H3'"  1 
ATOM   512 H "H2'"  . DT  B 2 5  ? -0.428  -4.882  5.122   1.00 0.19 ? 16 DT  B "H2'"  1 
ATOM   513 H "H2''" . DT  B 2 5  ? 1.135   -4.943  4.252   1.00 0.16 ? 16 DT  B "H2''" 1 
ATOM   514 H "H1'"  . DT  B 2 5  ? 0.166   -5.657  2.297   1.00 0.20 ? 16 DT  B "H1'"  1 
ATOM   515 H H3     . DT  B 2 5  ? -2.425  -2.441  0.609   1.00 0.27 ? 16 DT  B H3     1 
ATOM   516 H H71    . DT  B 2 5  ? -4.332  -3.620  5.521   1.00 0.31 ? 16 DT  B H71    1 
ATOM   517 H H72    . DT  B 2 5  ? -5.548  -3.783  4.236   1.00 0.35 ? 16 DT  B H72    1 
ATOM   518 H H73    . DT  B 2 5  ? -4.874  -2.188  4.619   1.00 0.32 ? 16 DT  B H73    1 
ATOM   519 H H6     . DT  B 2 5  ? -2.634  -4.986  4.679   1.00 0.22 ? 16 DT  B H6     1 
ATOM   520 P P      . DT  B 2 6  ? 2.792   -6.578  3.744   1.00 0.22 ? 17 DT  B P      1 
ATOM   521 O OP1    . DT  B 2 6  ? 3.532   -5.639  4.619   1.00 0.22 ? 17 DT  B OP1    1 
ATOM   522 O OP2    . DT  B 2 6  ? 2.068   -6.065  2.561   1.00 0.22 ? 17 DT  B OP2    1 
ATOM   523 O "O5'"  . DT  B 2 6  ? 3.823   -7.714  3.256   1.00 0.25 ? 17 DT  B "O5'"  1 
ATOM   524 C "C5'"  . DT  B 2 6  ? 3.874   -8.145  1.886   1.00 0.30 ? 17 DT  B "C5'"  1 
ATOM   525 C "C4'"  . DT  B 2 6  ? 4.530   -7.112  0.954   1.00 0.29 ? 17 DT  B "C4'"  1 
ATOM   526 O "O4'"  . DT  B 2 6  ? 3.665   -5.982  0.707   1.00 0.26 ? 17 DT  B "O4'"  1 
ATOM   527 C "C3'"  . DT  B 2 6  ? 5.839   -6.583  1.527   1.00 0.27 ? 17 DT  B "C3'"  1 
ATOM   528 O "O3'"  . DT  B 2 6  ? 6.917   -6.870  0.607   1.00 0.32 ? 17 DT  B "O3'"  1 
ATOM   529 C "C2'"  . DT  B 2 6  ? 5.624   -5.093  1.738   1.00 0.24 ? 17 DT  B "C2'"  1 
ATOM   530 C "C1'"  . DT  B 2 6  ? 4.395   -4.755  0.898   1.00 0.23 ? 17 DT  B "C1'"  1 
ATOM   531 N N1     . DT  B 2 6  ? 3.519   -3.715  1.519   1.00 0.18 ? 17 DT  B N1     1 
ATOM   532 C C2     . DT  B 2 6  ? 2.847   -2.860  0.656   1.00 0.20 ? 17 DT  B C2     1 
ATOM   533 O O2     . DT  B 2 6  ? 3.004   -2.909  -0.566  1.00 0.26 ? 17 DT  B O2     1 
ATOM   534 N N3     . DT  B 2 6  ? 1.993   -1.936  1.248   1.00 0.17 ? 17 DT  B N3     1 
ATOM   535 C C4     . DT  B 2 6  ? 1.765   -1.796  2.611   1.00 0.14 ? 17 DT  B C4     1 
ATOM   536 O O4     . DT  B 2 6  ? 0.953   -0.979  3.036   1.00 0.16 ? 17 DT  B O4     1 
ATOM   537 C C5     . DT  B 2 6  ? 2.513   -2.712  3.436   1.00 0.13 ? 17 DT  B C5     1 
ATOM   538 C C7     . DT  B 2 6  ? 2.375   -2.599  4.965   1.00 0.17 ? 17 DT  B C7     1 
ATOM   539 C C6     . DT  B 2 6  ? 3.348   -3.633  2.878   1.00 0.14 ? 17 DT  B C6     1 
ATOM   540 H "H5'"  . DT  B 2 6  ? 2.859   -8.336  1.539   1.00 0.34 ? 17 DT  B "H5'"  1 
ATOM   541 H "H5''" . DT  B 2 6  ? 4.442   -9.072  1.834   1.00 0.35 ? 17 DT  B "H5''" 1 
ATOM   542 H "H4'"  . DT  B 2 6  ? 4.745   -7.594  0.004   1.00 0.37 ? 17 DT  B "H4'"  1 
ATOM   543 H "H3'"  . DT  B 2 6  ? 6.034   -7.062  2.489   1.00 0.26 ? 17 DT  B "H3'"  1 
ATOM   544 H "H2'"  . DT  B 2 6  ? 5.441   -4.893  2.789   1.00 0.23 ? 17 DT  B "H2'"  1 
ATOM   545 H "H2''" . DT  B 2 6  ? 6.484   -4.529  1.396   1.00 0.27 ? 17 DT  B "H2''" 1 
ATOM   546 H "H1'"  . DT  B 2 6  ? 4.734   -4.390  -0.072  1.00 0.27 ? 17 DT  B "H1'"  1 
ATOM   547 H H3     . DT  B 2 6  ? 1.495   -1.309  0.632   1.00 0.20 ? 17 DT  B H3     1 
ATOM   548 H H71    . DT  B 2 6  ? 1.740   -1.742  5.211   1.00 0.23 ? 17 DT  B H71    1 
ATOM   549 H H72    . DT  B 2 6  ? 3.357   -2.456  5.415   1.00 0.19 ? 17 DT  B H72    1 
ATOM   550 H H73    . DT  B 2 6  ? 1.921   -3.504  5.366   1.00 0.21 ? 17 DT  B H73    1 
ATOM   551 H H6     . DT  B 2 6  ? 3.870   -4.348  3.513   1.00 0.16 ? 17 DT  B H6     1 
ATOM   552 P P      . DG  B 2 7  ? 8.145   -5.854  0.337   1.00 0.35 ? 18 DG  B P      1 
ATOM   553 O OP1    . DG  B 2 7  ? 9.095   -6.512  -0.588  1.00 0.43 ? 18 DG  B OP1    1 
ATOM   554 O OP2    . DG  B 2 7  ? 8.624   -5.341  1.641   1.00 0.36 ? 18 DG  B OP2    1 
ATOM   555 O "O5'"  . DG  B 2 7  ? 7.430   -4.641  -0.453  1.00 0.35 ? 18 DG  B "O5'"  1 
ATOM   556 C "C5'"  . DG  B 2 7  ? 6.885   -4.844  -1.763  1.00 0.36 ? 18 DG  B "C5'"  1 
ATOM   557 C "C4'"  . DG  B 2 7  ? 6.632   -3.520  -2.488  1.00 0.33 ? 18 DG  B "C4'"  1 
ATOM   558 O "O4'"  . DG  B 2 7  ? 5.602   -2.750  -1.830  1.00 0.29 ? 18 DG  B "O4'"  1 
ATOM   559 C "C3'"  . DG  B 2 7  ? 7.895   -2.669  -2.523  1.00 0.37 ? 18 DG  B "C3'"  1 
ATOM   560 O "O3'"  . DG  B 2 7  ? 8.155   -2.236  -3.872  1.00 0.40 ? 18 DG  B "O3'"  1 
ATOM   561 C "C2'"  . DG  B 2 7  ? 7.619   -1.506  -1.591  1.00 0.35 ? 18 DG  B "C2'"  1 
ATOM   562 C "C1'"  . DG  B 2 7  ? 6.105   -1.436  -1.509  1.00 0.29 ? 18 DG  B "C1'"  1 
ATOM   563 N N9     . DG  B 2 7  ? 5.645   -1.008  -0.171  1.00 0.27 ? 18 DG  B N9     1 
ATOM   564 C C8     . DG  B 2 7  ? 5.907   -1.543  1.045   1.00 0.27 ? 18 DG  B C8     1 
ATOM   565 N N7     . DG  B 2 7  ? 5.349   -0.998  2.073   1.00 0.27 ? 18 DG  B N7     1 
ATOM   566 C C5     . DG  B 2 7  ? 4.615   0.035   1.485   1.00 0.26 ? 18 DG  B C5     1 
ATOM   567 C C6     . DG  B 2 7  ? 3.772   1.009   2.085   1.00 0.25 ? 18 DG  B C6     1 
ATOM   568 O O6     . DG  B 2 7  ? 3.501   1.152   3.276   1.00 0.27 ? 18 DG  B O6     1 
ATOM   569 N N1     . DG  B 2 7  ? 3.224   1.865   1.135   1.00 0.24 ? 18 DG  B N1     1 
ATOM   570 C C2     . DG  B 2 7  ? 3.453   1.797   -0.222  1.00 0.24 ? 18 DG  B C2     1 
ATOM   571 N N2     . DG  B 2 7  ? 2.838   2.714   -0.967  1.00 0.24 ? 18 DG  B N2     1 
ATOM   572 N N3     . DG  B 2 7  ? 4.246   0.884   -0.795  1.00 0.25 ? 18 DG  B N3     1 
ATOM   573 C C4     . DG  B 2 7  ? 4.792   0.037   0.111   1.00 0.26 ? 18 DG  B C4     1 
ATOM   574 H "H5'"  . DG  B 2 7  ? 5.944   -5.386  -1.676  1.00 0.36 ? 18 DG  B "H5'"  1 
ATOM   575 H "H5''" . DG  B 2 7  ? 7.585   -5.440  -2.349  1.00 0.42 ? 18 DG  B "H5''" 1 
ATOM   576 H "H4'"  . DG  B 2 7  ? 6.317   -3.730  -3.510  1.00 0.34 ? 18 DG  B "H4'"  1 
ATOM   577 H "H3'"  . DG  B 2 7  ? 8.740   -3.248  -2.147  1.00 0.40 ? 18 DG  B "H3'"  1 
ATOM   578 H "H2'"  . DG  B 2 7  ? 8.041   -1.712  -0.609  1.00 0.36 ? 18 DG  B "H2'"  1 
ATOM   579 H "H2''" . DG  B 2 7  ? 8.023   -0.580  -1.992  1.00 0.38 ? 18 DG  B "H2''" 1 
ATOM   580 H "H1'"  . DG  B 2 7  ? 5.748   -0.721  -2.251  1.00 0.27 ? 18 DG  B "H1'"  1 
ATOM   581 H H8     . DG  B 2 7  ? 6.565   -2.401  1.149   1.00 0.29 ? 18 DG  B H8     1 
ATOM   582 H H1     . DG  B 2 7  ? 2.602   2.576   1.488   1.00 0.24 ? 18 DG  B H1     1 
ATOM   583 H H21    . DG  B 2 7  ? 2.239   3.401   -0.532  1.00 0.24 ? 18 DG  B H21    1 
ATOM   584 H H22    . DG  B 2 7  ? 2.974   2.725   -1.968  1.00 0.25 ? 18 DG  B H22    1 
ATOM   585 P P      . DT  B 2 8  ? 9.044   -0.929  -4.199  1.00 0.44 ? 19 DT  B P      1 
ATOM   586 O OP1    . DT  B 2 8  ? 9.363   -0.936  -5.645  1.00 0.49 ? 19 DT  B OP1    1 
ATOM   587 O OP2    . DT  B 2 8  ? 10.136  -0.844  -3.202  1.00 0.51 ? 19 DT  B OP2    1 
ATOM   588 O "O5'"  . DT  B 2 8  ? 8.006   0.270   -3.915  1.00 0.38 ? 19 DT  B "O5'"  1 
ATOM   589 C "C5'"  . DT  B 2 8  ? 6.860   0.461   -4.754  1.00 0.32 ? 19 DT  B "C5'"  1 
ATOM   590 C "C4'"  . DT  B 2 8  ? 6.308   1.881   -4.637  1.00 0.32 ? 19 DT  B "C4'"  1 
ATOM   591 O "O4'"  . DT  B 2 8  ? 5.766   2.116   -3.320  1.00 0.30 ? 19 DT  B "O4'"  1 
ATOM   592 C "C3'"  . DT  B 2 8  ? 7.418   2.905   -4.871  1.00 0.38 ? 19 DT  B "C3'"  1 
ATOM   593 O "O3'"  . DT  B 2 8  ? 7.013   3.984   -5.746  1.00 0.45 ? 19 DT  B "O3'"  1 
ATOM   594 C "C2'"  . DT  B 2 8  ? 7.730   3.451   -3.497  1.00 0.37 ? 19 DT  B "C2'"  1 
ATOM   595 C "C1'"  . DT  B 2 8  ? 6.441   3.236   -2.720  1.00 0.33 ? 19 DT  B "C1'"  1 
ATOM   596 N N1     . DT  B 2 8  ? 6.677   3.003   -1.278  1.00 0.33 ? 19 DT  B N1     1 
ATOM   597 C C2     . DT  B 2 8  ? 5.989   3.815   -0.393  1.00 0.33 ? 19 DT  B C2     1 
ATOM   598 O O2     . DT  B 2 8  ? 5.221   4.698   -0.770  1.00 0.33 ? 19 DT  B O2     1 
ATOM   599 N N3     . DT  B 2 8  ? 6.205   3.571   0.947   1.00 0.35 ? 19 DT  B N3     1 
ATOM   600 C C4     . DT  B 2 8  ? 7.036   2.608   1.477   1.00 0.38 ? 19 DT  B C4     1 
ATOM   601 O O4     . DT  B 2 8  ? 7.139   2.476   2.696   1.00 0.42 ? 19 DT  B O4     1 
ATOM   602 C C5     . DT  B 2 8  ? 7.715   1.809   0.480   1.00 0.37 ? 19 DT  B C5     1 
ATOM   603 C C7     . DT  B 2 8  ? 8.683   0.720   0.913   1.00 0.41 ? 19 DT  B C7     1 
ATOM   604 C C6     . DT  B 2 8  ? 7.520   2.019   -0.833  1.00 0.35 ? 19 DT  B C6     1 
ATOM   605 H "H5'"  . DT  B 2 8  ? 6.084   -0.247  -4.466  1.00 0.29 ? 19 DT  B "H5'"  1 
ATOM   606 H "H5''" . DT  B 2 8  ? 7.144   0.276   -5.790  1.00 0.36 ? 19 DT  B "H5''" 1 
ATOM   607 H "H4'"  . DT  B 2 8  ? 5.521   2.019   -5.376  1.00 0.32 ? 19 DT  B "H4'"  1 
ATOM   608 H "H3'"  . DT  B 2 8  ? 8.301   2.406   -5.277  1.00 0.42 ? 19 DT  B "H3'"  1 
ATOM   609 H "H2'"  . DT  B 2 8  ? 8.548   2.889   -3.046  1.00 0.38 ? 19 DT  B "H2'"  1 
ATOM   610 H "H2''" . DT  B 2 8  ? 7.976   4.509   -3.550  1.00 0.40 ? 19 DT  B "H2''" 1 
ATOM   611 H "H1'"  . DT  B 2 8  ? 5.821   4.125   -2.831  1.00 0.33 ? 19 DT  B "H1'"  1 
ATOM   612 H H3     . DT  B 2 8  ? 5.694   4.145   1.601   1.00 0.36 ? 19 DT  B H3     1 
ATOM   613 H H71    . DT  B 2 8  ? 9.650   0.887   0.437   1.00 0.50 ? 19 DT  B H71    1 
ATOM   614 H H72    . DT  B 2 8  ? 8.294   -0.250  0.610   1.00 0.48 ? 19 DT  B H72    1 
ATOM   615 H H73    . DT  B 2 8  ? 8.800   0.743   1.994   1.00 0.45 ? 19 DT  B H73    1 
ATOM   616 H H6     . DT  B 2 8  ? 8.026   1.378   -1.551  1.00 0.35 ? 19 DT  B H6     1 
ATOM   617 P P      . DC  B 2 9  ? 5.981   3.805   -6.990  1.00 0.47 ? 20 DC  B P      1 
ATOM   618 O OP1    . DC  B 2 9  ? 5.561   2.389   -7.077  1.00 0.56 ? 20 DC  B OP1    1 
ATOM   619 O OP2    . DC  B 2 9  ? 6.577   4.465   -8.173  1.00 0.50 ? 20 DC  B OP2    1 
ATOM   620 O "O5'"  . DC  B 2 9  ? 4.708   4.685   -6.516  1.00 0.47 ? 20 DC  B "O5'"  1 
ATOM   621 C "C5'"  . DC  B 2 9  ? 4.551   5.057   -5.139  1.00 0.47 ? 20 DC  B "C5'"  1 
ATOM   622 C "C4'"  . DC  B 2 9  ? 4.850   6.541   -4.897  1.00 0.47 ? 20 DC  B "C4'"  1 
ATOM   623 O "O4'"  . DC  B 2 9  ? 5.123   6.783   -3.493  1.00 0.45 ? 20 DC  B "O4'"  1 
ATOM   624 C "C3'"  . DC  B 2 9  ? 6.070   6.990   -5.692  1.00 0.47 ? 20 DC  B "C3'"  1 
ATOM   625 O "O3'"  . DC  B 2 9  ? 5.771   8.166   -6.482  1.00 0.50 ? 20 DC  B "O3'"  1 
ATOM   626 C "C2'"  . DC  B 2 9  ? 7.143   7.231   -4.659  1.00 0.45 ? 20 DC  B "C2'"  1 
ATOM   627 C "C1'"  . DC  B 2 9  ? 6.373   7.488   -3.367  1.00 0.43 ? 20 DC  B "C1'"  1 
ATOM   628 N N1     . DC  B 2 9  ? 7.145   7.053   -2.168  1.00 0.41 ? 20 DC  B N1     1 
ATOM   629 C C2     . DC  B 2 9  ? 6.554   7.193   -0.910  1.00 0.40 ? 20 DC  B C2     1 
ATOM   630 O O2     . DC  B 2 9  ? 5.421   7.659   -0.792  1.00 0.42 ? 20 DC  B O2     1 
ATOM   631 N N3     . DC  B 2 9  ? 7.274   6.812   0.183   1.00 0.38 ? 20 DC  B N3     1 
ATOM   632 C C4     . DC  B 2 9  ? 8.514   6.317   0.057   1.00 0.38 ? 20 DC  B C4     1 
ATOM   633 N N4     . DC  B 2 9  ? 9.192   5.955   1.145   1.00 0.38 ? 20 DC  B N4     1 
ATOM   634 C C5     . DC  B 2 9  ? 9.119   6.175   -1.225  1.00 0.39 ? 20 DC  B C5     1 
ATOM   635 C C6     . DC  B 2 9  ? 8.407   6.552   -2.299  1.00 0.40 ? 20 DC  B C6     1 
ATOM   636 H "H5'"  . DC  B 2 9  ? 5.235   4.463   -4.541  1.00 0.48 ? 20 DC  B "H5'"  1 
ATOM   637 H "H5''" . DC  B 2 9  ? 3.530   4.844   -4.824  1.00 0.50 ? 20 DC  B "H5''" 1 
ATOM   638 H "H4'"  . DC  B 2 9  ? 3.994   7.134   -5.197  1.00 0.48 ? 20 DC  B "H4'"  1 
ATOM   639 H "H3'"  . DC  B 2 9  ? 6.383   6.180   -6.354  1.00 0.49 ? 20 DC  B "H3'"  1 
ATOM   640 H "H2'"  . DC  B 2 9  ? 7.750   6.334   -4.567  1.00 0.46 ? 20 DC  B "H2'"  1 
ATOM   641 H "H2''" . DC  B 2 9  ? 7.766   8.083   -4.915  1.00 0.46 ? 20 DC  B "H2''" 1 
ATOM   642 H "H1'"  . DC  B 2 9  ? 6.166   8.554   -3.287  1.00 0.44 ? 20 DC  B "H1'"  1 
ATOM   643 H H41    . DC  B 2 9  ? 8.773   6.053   2.059   1.00 0.38 ? 20 DC  B H41    1 
ATOM   644 H H42    . DC  B 2 9  ? 10.127  5.584   1.056   1.00 0.38 ? 20 DC  B H42    1 
ATOM   645 H H5     . DC  B 2 9  ? 10.128  5.773   -1.331  1.00 0.40 ? 20 DC  B H5     1 
ATOM   646 H H6     . DC  B 2 9  ? 8.846   6.471   -3.289  1.00 0.43 ? 20 DC  B H6     1 
ATOM   647 P P      . DC  B 2 10 ? 5.993   9.678   -5.947  1.00 0.47 ? 21 DC  B P      1 
ATOM   648 O OP1    . DC  B 2 10 ? 5.449   10.607  -6.962  1.00 0.57 ? 21 DC  B OP1    1 
ATOM   649 O OP2    . DC  B 2 10 ? 7.401   9.817   -5.509  1.00 0.48 ? 21 DC  B OP2    1 
ATOM   650 O "O5'"  . DC  B 2 10 ? 5.048   9.749   -4.644  1.00 0.46 ? 21 DC  B "O5'"  1 
ATOM   651 C "C5'"  . DC  B 2 10 ? 3.624   9.829   -4.774  1.00 0.54 ? 21 DC  B "C5'"  1 
ATOM   652 C "C4'"  . DC  B 2 10 ? 3.052   11.014  -4.003  1.00 0.53 ? 21 DC  B "C4'"  1 
ATOM   653 O "O4'"  . DC  B 2 10 ? 3.548   11.022  -2.651  1.00 0.51 ? 21 DC  B "O4'"  1 
ATOM   654 C "C3'"  . DC  B 2 10 ? 3.447   12.332  -4.660  1.00 0.47 ? 21 DC  B "C3'"  1 
ATOM   655 O "O3'"  . DC  B 2 10 ? 2.297   13.064  -5.134  1.00 0.58 ? 21 DC  B "O3'"  1 
ATOM   656 C "C2'"  . DC  B 2 10 ? 4.210   13.121  -3.622  1.00 0.42 ? 21 DC  B "C2'"  1 
ATOM   657 C "C1'"  . DC  B 2 10 ? 4.360   12.189  -2.422  1.00 0.43 ? 21 DC  B "C1'"  1 
ATOM   658 N N1     . DC  B 2 10 ? 5.776   11.803  -2.197  1.00 0.34 ? 21 DC  B N1     1 
ATOM   659 C C2     . DC  B 2 10 ? 6.167   11.530  -0.891  1.00 0.36 ? 21 DC  B C2     1 
ATOM   660 O O2     . DC  B 2 10 ? 5.358   11.611  0.033   1.00 0.44 ? 21 DC  B O2     1 
ATOM   661 N N3     . DC  B 2 10 ? 7.461   11.172  -0.668  1.00 0.33 ? 21 DC  B N3     1 
ATOM   662 C C4     . DC  B 2 10 ? 8.337   11.084  -1.677  1.00 0.26 ? 21 DC  B C4     1 
ATOM   663 N N4     . DC  B 2 10 ? 9.599   10.735  -1.419  1.00 0.31 ? 21 DC  B N4     1 
ATOM   664 C C5     . DC  B 2 10 ? 7.939   11.362  -3.020  1.00 0.23 ? 21 DC  B C5     1 
ATOM   665 C C6     . DC  B 2 10 ? 6.657   11.716  -3.231  1.00 0.27 ? 21 DC  B C6     1 
ATOM   666 H "H5'"  . DC  B 2 10 ? 3.181   8.910   -4.392  1.00 0.66 ? 21 DC  B "H5'"  1 
ATOM   667 H "H5''" . DC  B 2 10 ? 3.369   9.940   -5.826  1.00 0.60 ? 21 DC  B "H5''" 1 
ATOM   668 H "H4'"  . DC  B 2 10 ? 1.966   10.934  -3.983  1.00 0.64 ? 21 DC  B "H4'"  1 
ATOM   669 H "H3'"  . DC  B 2 10 ? 4.115   12.124  -5.501  1.00 0.45 ? 21 DC  B "H3'"  1 
ATOM   670 H "H2'"  . DC  B 2 10 ? 5.183   13.406  -4.010  1.00 0.36 ? 21 DC  B "H2'"  1 
ATOM   671 H "H2''" . DC  B 2 10 ? 3.646   14.007  -3.336  1.00 0.53 ? 21 DC  B "H2''" 1 
ATOM   672 H "H1'"  . DC  B 2 10 ? 3.998   12.702  -1.539  1.00 0.54 ? 21 DC  B "H1'"  1 
ATOM   673 H H41    . DC  B 2 10 ? 9.886   10.537  -0.471  1.00 0.37 ? 21 DC  B H41    1 
ATOM   674 H H42    . DC  B 2 10 ? 10.268  10.670  -2.173  1.00 0.31 ? 21 DC  B H42    1 
ATOM   675 H H5     . DC  B 2 10 ? 8.649   11.292  -3.845  1.00 0.23 ? 21 DC  B H5     1 
ATOM   676 H H6     . DC  B 2 10 ? 6.320   11.937  -4.240  1.00 0.29 ? 21 DC  B H6     1 
ATOM   677 P P      . DG  B 2 11 ? 0.996   13.345  -4.211  1.00 0.75 ? 22 DG  B P      1 
ATOM   678 O OP1    . DG  B 2 11 ? 0.565   12.067  -3.601  1.00 0.87 ? 22 DG  B OP1    1 
ATOM   679 O OP2    . DG  B 2 11 ? 0.031   14.135  -5.009  1.00 0.85 ? 22 DG  B OP2    1 
ATOM   680 O "O5'"  . DG  B 2 11 ? 1.571   14.292  -3.041  1.00 0.79 ? 22 DG  B "O5'"  1 
ATOM   681 C "C5'"  . DG  B 2 11 ? 1.888   15.666  -3.292  1.00 0.79 ? 22 DG  B "C5'"  1 
ATOM   682 C "C4'"  . DG  B 2 11 ? 2.119   16.427  -1.988  1.00 0.87 ? 22 DG  B "C4'"  1 
ATOM   683 O "O4'"  . DG  B 2 11 ? 3.058   15.727  -1.153  1.00 0.83 ? 22 DG  B "O4'"  1 
ATOM   684 C "C3'"  . DG  B 2 11 ? 2.669   17.822  -2.260  1.00 0.91 ? 22 DG  B "C3'"  1 
ATOM   685 O "O3'"  . DG  B 2 11 ? 1.837   18.822  -1.662  1.00 1.14 ? 22 DG  B "O3'"  1 
ATOM   686 C "C2'"  . DG  B 2 11 ? 4.057   17.853  -1.660  1.00 0.85 ? 22 DG  B "C2'"  1 
ATOM   687 C "C1'"  . DG  B 2 11 ? 4.168   16.583  -0.820  1.00 0.79 ? 22 DG  B "C1'"  1 
ATOM   688 N N9     . DG  B 2 11 ? 5.450   15.888  -1.065  1.00 0.60 ? 22 DG  B N9     1 
ATOM   689 C C8     . DG  B 2 11 ? 6.089   15.636  -2.235  1.00 0.51 ? 22 DG  B C8     1 
ATOM   690 N N7     . DG  B 2 11 ? 7.205   14.989  -2.178  1.00 0.40 ? 22 DG  B N7     1 
ATOM   691 C C5     . DG  B 2 11 ? 7.340   14.774  -0.804  1.00 0.41 ? 22 DG  B C5     1 
ATOM   692 C C6     . DG  B 2 11 ? 8.370   14.110  -0.085  1.00 0.37 ? 22 DG  B C6     1 
ATOM   693 O O6     . DG  B 2 11 ? 9.388   13.580  -0.533  1.00 0.41 ? 22 DG  B O6     1 
ATOM   694 N N1     . DG  B 2 11 ? 8.123   14.116  1.288   1.00 0.40 ? 22 DG  B N1     1 
ATOM   695 C C2     . DG  B 2 11 ? 7.026   14.687  1.895   1.00 0.48 ? 22 DG  B C2     1 
ATOM   696 N N2     . DG  B 2 11 ? 6.974   14.595  3.226   1.00 0.53 ? 22 DG  B N2     1 
ATOM   697 N N3     . DG  B 2 11 ? 6.053   15.313  1.223   1.00 0.57 ? 22 DG  B N3     1 
ATOM   698 C C4     . DG  B 2 11 ? 6.272   15.320  -0.116  1.00 0.52 ? 22 DG  B C4     1 
ATOM   699 H "H5'"  . DG  B 2 11 ? 1.066   16.130  -3.837  1.00 0.85 ? 22 DG  B "H5'"  1 
ATOM   700 H "H5''" . DG  B 2 11 ? 2.793   15.716  -3.899  1.00 0.72 ? 22 DG  B "H5''" 1 
ATOM   701 H "H4'"  . DG  B 2 11 ? 1.171   16.517  -1.458  1.00 0.99 ? 22 DG  B "H4'"  1 
ATOM   702 H "H3'"  . DG  B 2 11 ? 2.735   17.988  -3.337  1.00 0.91 ? 22 DG  B "H3'"  1 
ATOM   703 H "HO3'" . DG  B 2 11 ? 0.973   18.813  -2.081  1.00 1.23 ? 22 DG  B "HO3'" 1 
ATOM   704 H "H2'"  . DG  B 2 11 ? 4.806   17.850  -2.451  1.00 0.82 ? 22 DG  B "H2'"  1 
ATOM   705 H "H2''" . DG  B 2 11 ? 4.178   18.735  -1.029  1.00 0.99 ? 22 DG  B "H2''" 1 
ATOM   706 H "H1'"  . DG  B 2 11 ? 4.107   16.849  0.235   1.00 0.93 ? 22 DG  B "H1'"  1 
ATOM   707 H H8     . DG  B 2 11 ? 5.676   15.969  -3.188  1.00 0.56 ? 22 DG  B H8     1 
ATOM   708 H H1     . DG  B 2 11 ? 8.820   13.668  1.864   1.00 0.41 ? 22 DG  B H1     1 
ATOM   709 H H21    . DG  B 2 11 ? 7.711   14.122  3.729   1.00 0.50 ? 22 DG  B H21    1 
ATOM   710 H H22    . DG  B 2 11 ? 6.197   14.998  3.729   1.00 0.63 ? 22 DG  B H22    1 
# 
